data_6Q56
#
_entry.id   6Q56
#
_cell.length_a   81.560
_cell.length_b   51.980
_cell.length_c   108.130
_cell.angle_alpha   90.00
_cell.angle_beta   110.60
_cell.angle_gamma   90.00
#
_symmetry.space_group_name_H-M   'P 1 21 1'
#
loop_
_entity.id
_entity.type
_entity.pdbx_description
1 polymer 'tRNA (adenine(22)-N(1))-methyltransferase'
2 non-polymer 'NICKEL (II) ION'
3 water water
#
_entity_poly.entity_id   1
_entity_poly.type   'polypeptide(L)'
_entity_poly.pdbx_seq_one_letter_code
;MNELKLSKRLQTVAEYIPNGAVMADIGSDHAYLPSYAVLNHKASGAIAGEITDGPFLSAKRQVEKSGLNSHISVRQGDGL
EVIKKGEADAITIAGMGGALIAHILEAGKDKLTGKERLILQPNIHAVHIREWLYKERYALIDEVILEEDGKSYEVLVAEA
GDRDAAYDGISLSAGMLVGPFLAKEKNAVFLKKWTQELQHTQSIYEQISQAADTEQNKQKLKELADRMELLKEVIDHG
;
_entity_poly.pdbx_strand_id   A,B,C,D
#
loop_
_chem_comp.id
_chem_comp.type
_chem_comp.name
_chem_comp.formula
NI non-polymer 'NICKEL (II) ION' 'Ni 2'
#
# COMPACT_ATOMS: atom_id res chain seq x y z
N GLU A 3 9.28 -15.55 -13.65
CA GLU A 3 10.48 -15.21 -14.41
C GLU A 3 11.16 -14.01 -13.77
N LEU A 4 11.12 -12.87 -14.44
CA LEU A 4 11.73 -11.66 -13.93
C LEU A 4 10.67 -10.92 -13.15
N LYS A 5 11.07 -10.28 -12.06
CA LYS A 5 10.13 -9.52 -11.27
C LYS A 5 10.44 -8.05 -11.42
N LEU A 6 9.40 -7.25 -11.48
CA LEU A 6 9.58 -5.83 -11.62
C LEU A 6 9.05 -5.13 -10.40
N SER A 7 9.49 -3.89 -10.21
CA SER A 7 9.04 -3.08 -9.11
C SER A 7 7.65 -2.58 -9.44
N LYS A 8 6.91 -2.17 -8.43
CA LYS A 8 5.58 -1.65 -8.62
C LYS A 8 5.64 -0.56 -9.68
N ARG A 9 6.65 0.27 -9.55
CA ARG A 9 6.88 1.39 -10.45
C ARG A 9 6.94 0.98 -11.92
N LEU A 10 7.85 0.07 -12.25
CA LEU A 10 8.00 -0.38 -13.63
C LEU A 10 6.88 -1.32 -14.04
N GLN A 11 6.29 -2.00 -13.06
CA GLN A 11 5.17 -2.88 -13.34
C GLN A 11 4.07 -2.02 -13.91
N THR A 12 3.85 -0.89 -13.25
CA THR A 12 2.85 0.07 -13.66
C THR A 12 3.12 0.53 -15.08
N VAL A 13 4.37 0.84 -15.38
CA VAL A 13 4.75 1.28 -16.71
C VAL A 13 4.43 0.22 -17.75
N ALA A 14 4.84 -1.01 -17.47
CA ALA A 14 4.61 -2.12 -18.38
C ALA A 14 3.15 -2.32 -18.77
N GLU A 15 2.24 -2.10 -17.84
CA GLU A 15 0.82 -2.29 -18.10
C GLU A 15 0.26 -1.41 -19.21
N TYR A 16 0.95 -0.32 -19.54
CA TYR A 16 0.45 0.57 -20.59
C TYR A 16 1.05 0.27 -21.94
N ILE A 17 1.85 -0.78 -22.02
CA ILE A 17 2.45 -1.16 -23.28
C ILE A 17 1.35 -1.78 -24.13
N PRO A 18 1.10 -1.22 -25.30
CA PRO A 18 0.05 -1.78 -26.15
C PRO A 18 0.41 -3.20 -26.56
N ASN A 19 -0.56 -4.11 -26.59
CA ASN A 19 -0.28 -5.47 -26.97
C ASN A 19 0.41 -5.56 -28.33
N GLY A 20 1.28 -6.54 -28.48
CA GLY A 20 2.01 -6.77 -29.71
C GLY A 20 2.88 -5.60 -30.12
N ALA A 21 2.99 -4.62 -29.24
CA ALA A 21 3.78 -3.45 -29.54
C ALA A 21 5.28 -3.69 -29.51
N VAL A 22 5.99 -2.88 -30.29
CA VAL A 22 7.43 -2.91 -30.29
C VAL A 22 7.74 -1.73 -29.40
N MET A 23 8.41 -1.97 -28.30
CA MET A 23 8.71 -0.92 -27.36
C MET A 23 10.18 -0.59 -27.27
N ALA A 24 10.45 0.66 -26.93
CA ALA A 24 11.80 1.13 -26.76
C ALA A 24 11.88 1.67 -25.35
N ASP A 25 12.77 1.09 -24.57
CA ASP A 25 12.96 1.50 -23.19
C ASP A 25 14.25 2.31 -23.15
N ILE A 26 14.10 3.61 -22.94
CA ILE A 26 15.22 4.51 -22.89
C ILE A 26 15.83 4.51 -21.49
N GLY A 27 17.14 4.35 -21.43
CA GLY A 27 17.84 4.32 -20.17
C GLY A 27 17.37 3.13 -19.39
N SER A 28 17.16 2.03 -20.10
CA SER A 28 16.66 0.79 -19.52
C SER A 28 17.47 0.27 -18.36
N ASP A 29 16.77 -0.04 -17.27
CA ASP A 29 17.41 -0.55 -16.07
C ASP A 29 17.67 -2.05 -16.23
N HIS A 30 18.86 -2.38 -16.71
CA HIS A 30 19.27 -3.76 -16.93
C HIS A 30 18.46 -4.46 -18.00
N ALA A 31 17.60 -3.70 -18.68
CA ALA A 31 16.75 -4.25 -19.72
C ALA A 31 15.72 -5.19 -19.13
N TYR A 32 15.45 -5.03 -17.85
CA TYR A 32 14.48 -5.88 -17.16
C TYR A 32 13.09 -5.63 -17.69
N LEU A 33 12.68 -4.37 -17.73
CA LEU A 33 11.36 -4.01 -18.19
C LEU A 33 11.10 -4.59 -19.58
N PRO A 34 11.97 -4.32 -20.53
CA PRO A 34 11.78 -4.85 -21.89
C PRO A 34 11.83 -6.37 -21.92
N SER A 35 12.68 -6.99 -21.12
CA SER A 35 12.78 -8.44 -21.10
C SER A 35 11.46 -8.98 -20.57
N TYR A 36 10.97 -8.32 -19.54
CA TYR A 36 9.72 -8.69 -18.90
C TYR A 36 8.56 -8.54 -19.86
N ALA A 37 8.56 -7.47 -20.65
CA ALA A 37 7.48 -7.21 -21.58
C ALA A 37 7.42 -8.21 -22.71
N VAL A 38 8.56 -8.54 -23.26
CA VAL A 38 8.66 -9.49 -24.36
C VAL A 38 8.36 -10.90 -23.88
N LEU A 39 8.89 -11.27 -22.72
CA LEU A 39 8.65 -12.59 -22.16
C LEU A 39 7.18 -12.82 -21.86
N ASN A 40 6.52 -11.79 -21.36
CA ASN A 40 5.11 -11.89 -21.04
C ASN A 40 4.24 -11.56 -22.24
N HIS A 41 4.88 -11.50 -23.40
CA HIS A 41 4.20 -11.24 -24.67
C HIS A 41 3.46 -9.91 -24.70
N LYS A 42 3.80 -9.01 -23.80
CA LYS A 42 3.18 -7.71 -23.77
C LYS A 42 3.72 -6.93 -24.95
N ALA A 43 4.97 -7.20 -25.31
CA ALA A 43 5.63 -6.55 -26.42
C ALA A 43 6.11 -7.61 -27.39
N SER A 44 6.08 -7.30 -28.67
CA SER A 44 6.50 -8.25 -29.70
C SER A 44 8.00 -8.22 -29.83
N GLY A 45 8.56 -7.04 -29.69
CA GLY A 45 9.98 -6.83 -29.76
C GLY A 45 10.34 -5.62 -28.94
N ALA A 46 11.62 -5.40 -28.69
CA ALA A 46 12.01 -4.27 -27.90
C ALA A 46 13.41 -3.80 -28.16
N ILE A 47 13.63 -2.53 -27.81
CA ILE A 47 14.90 -1.89 -27.94
C ILE A 47 15.21 -1.34 -26.56
N ALA A 48 16.41 -1.61 -26.09
CA ALA A 48 16.83 -1.14 -24.79
C ALA A 48 18.01 -0.23 -25.00
N GLY A 49 17.81 1.05 -24.72
CA GLY A 49 18.85 2.04 -24.88
C GLY A 49 19.61 2.36 -23.62
N GLU A 50 20.92 2.47 -23.78
CA GLU A 50 21.81 2.78 -22.68
C GLU A 50 22.78 3.81 -23.20
N ILE A 51 23.22 4.72 -22.35
CA ILE A 51 24.12 5.75 -22.80
C ILE A 51 25.58 5.46 -22.48
N THR A 52 25.86 4.87 -21.33
CA THR A 52 27.24 4.58 -20.96
C THR A 52 27.64 3.12 -21.15
N ASP A 53 28.93 2.92 -21.35
CA ASP A 53 29.51 1.59 -21.57
C ASP A 53 29.05 0.53 -20.58
N GLY A 54 29.13 0.84 -19.30
CA GLY A 54 28.76 -0.09 -18.26
C GLY A 54 27.33 -0.60 -18.37
N PRO A 55 26.36 0.28 -18.19
CA PRO A 55 24.96 -0.13 -18.30
C PRO A 55 24.65 -0.81 -19.62
N PHE A 56 25.40 -0.46 -20.64
CA PHE A 56 25.20 -1.02 -21.97
C PHE A 56 25.62 -2.48 -22.03
N LEU A 57 26.87 -2.76 -21.69
CA LEU A 57 27.36 -4.12 -21.71
C LEU A 57 26.53 -5.03 -20.81
N SER A 58 26.13 -4.54 -19.66
CA SER A 58 25.35 -5.33 -18.72
C SER A 58 23.94 -5.62 -19.21
N ALA A 59 23.39 -4.73 -20.01
CA ALA A 59 22.05 -4.95 -20.54
C ALA A 59 22.15 -5.96 -21.66
N LYS A 60 23.17 -5.81 -22.48
CA LYS A 60 23.40 -6.71 -23.59
C LYS A 60 23.64 -8.12 -23.07
N ARG A 61 24.33 -8.23 -21.94
CA ARG A 61 24.63 -9.52 -21.36
C ARG A 61 23.43 -10.17 -20.71
N GLN A 62 22.52 -9.37 -20.18
CA GLN A 62 21.33 -9.91 -19.56
C GLN A 62 20.44 -10.46 -20.66
N VAL A 63 20.25 -9.65 -21.70
CA VAL A 63 19.42 -10.05 -22.82
C VAL A 63 20.00 -11.29 -23.51
N GLU A 64 21.31 -11.38 -23.55
CA GLU A 64 21.96 -12.52 -24.17
C GLU A 64 21.79 -13.70 -23.21
N LYS A 65 22.02 -13.44 -21.93
CA LYS A 65 21.91 -14.45 -20.89
C LYS A 65 20.49 -14.99 -20.86
N SER A 66 19.53 -14.11 -21.11
CA SER A 66 18.12 -14.49 -21.11
C SER A 66 17.70 -15.09 -22.44
N GLY A 67 18.62 -15.14 -23.39
CA GLY A 67 18.32 -15.68 -24.70
C GLY A 67 17.21 -14.90 -25.38
N LEU A 68 17.22 -13.59 -25.19
CA LEU A 68 16.22 -12.72 -25.78
C LEU A 68 16.81 -11.86 -26.89
N ASN A 69 18.02 -12.21 -27.28
CA ASN A 69 18.71 -11.49 -28.34
C ASN A 69 17.87 -11.40 -29.61
N SER A 70 17.08 -12.43 -29.87
CA SER A 70 16.25 -12.51 -31.07
C SER A 70 15.10 -11.50 -31.14
N HIS A 71 14.64 -11.03 -29.99
CA HIS A 71 13.54 -10.09 -29.94
C HIS A 71 13.91 -8.77 -29.30
N ILE A 72 15.10 -8.70 -28.69
CA ILE A 72 15.53 -7.49 -28.03
C ILE A 72 16.87 -6.99 -28.52
N SER A 73 16.89 -5.71 -28.88
CA SER A 73 18.08 -5.07 -29.38
C SER A 73 18.58 -4.02 -28.39
N VAL A 74 19.69 -4.31 -27.74
CA VAL A 74 20.27 -3.39 -26.78
C VAL A 74 21.20 -2.48 -27.56
N ARG A 75 20.91 -1.19 -27.55
CA ARG A 75 21.71 -0.22 -28.27
C ARG A 75 22.27 0.85 -27.37
N GLN A 76 23.40 1.40 -27.77
CA GLN A 76 24.05 2.43 -27.02
C GLN A 76 23.85 3.75 -27.71
N GLY A 77 23.46 4.76 -26.95
CA GLY A 77 23.23 6.08 -27.49
C GLY A 77 22.51 6.97 -26.52
N ASP A 78 22.40 8.24 -26.86
CA ASP A 78 21.74 9.22 -26.03
C ASP A 78 20.24 9.29 -26.34
N GLY A 79 19.43 9.02 -25.34
CA GLY A 79 17.99 9.08 -25.48
C GLY A 79 17.43 8.31 -26.65
N LEU A 80 16.64 8.99 -27.46
CA LEU A 80 16.00 8.38 -28.61
C LEU A 80 16.97 8.21 -29.78
N GLU A 81 18.24 8.47 -29.51
CA GLU A 81 19.27 8.31 -30.51
C GLU A 81 19.37 6.84 -30.89
N VAL A 82 18.94 5.98 -29.97
CA VAL A 82 19.00 4.54 -30.20
C VAL A 82 17.89 3.96 -31.07
N ILE A 83 16.86 4.73 -31.34
CA ILE A 83 15.77 4.20 -32.15
C ILE A 83 15.67 4.84 -33.52
N LYS A 84 15.04 4.10 -34.43
CA LYS A 84 14.82 4.57 -35.78
C LYS A 84 13.36 4.95 -35.93
N LYS A 85 13.12 6.07 -36.58
CA LYS A 85 11.78 6.55 -36.83
C LYS A 85 10.89 5.40 -37.24
N GLY A 86 9.73 5.28 -36.60
CA GLY A 86 8.78 4.25 -36.94
C GLY A 86 9.23 2.85 -36.59
N GLU A 87 10.19 2.74 -35.70
CA GLU A 87 10.68 1.44 -35.28
C GLU A 87 9.87 0.91 -34.12
N ALA A 88 9.58 1.77 -33.16
CA ALA A 88 8.82 1.37 -31.98
C ALA A 88 7.41 1.94 -31.97
N ASP A 89 6.50 1.20 -31.36
CA ASP A 89 5.12 1.59 -31.24
C ASP A 89 4.80 2.15 -29.87
N ALA A 90 5.72 1.94 -28.96
CA ALA A 90 5.58 2.43 -27.59
C ALA A 90 6.95 2.79 -27.10
N ILE A 91 7.03 3.85 -26.32
CA ILE A 91 8.30 4.27 -25.79
C ILE A 91 8.19 4.50 -24.30
N THR A 92 9.06 3.84 -23.56
CA THR A 92 9.10 3.96 -22.12
C THR A 92 10.36 4.67 -21.67
N ILE A 93 10.18 5.66 -20.81
CA ILE A 93 11.28 6.41 -20.24
C ILE A 93 10.96 6.57 -18.76
N ALA A 94 11.71 5.90 -17.92
CA ALA A 94 11.48 5.94 -16.48
C ALA A 94 12.75 6.03 -15.65
N GLY A 95 12.57 6.31 -14.38
CA GLY A 95 13.67 6.44 -13.44
C GLY A 95 14.52 7.65 -13.71
N MET A 96 13.89 8.69 -14.26
CA MET A 96 14.57 9.93 -14.56
C MET A 96 13.75 11.11 -14.09
N GLY A 97 14.38 12.28 -14.06
CA GLY A 97 13.70 13.48 -13.67
C GLY A 97 12.88 13.96 -14.84
N GLY A 98 11.79 14.66 -14.56
CA GLY A 98 10.92 15.19 -15.59
C GLY A 98 11.66 16.05 -16.60
N ALA A 99 12.60 16.84 -16.11
CA ALA A 99 13.38 17.71 -16.99
C ALA A 99 14.15 16.90 -18.02
N LEU A 100 14.80 15.83 -17.58
CA LEU A 100 15.57 14.98 -18.48
C LEU A 100 14.67 14.32 -19.51
N ILE A 101 13.57 13.75 -19.04
CA ILE A 101 12.62 13.09 -19.92
C ILE A 101 12.16 14.06 -20.98
N ALA A 102 11.78 15.26 -20.57
CA ALA A 102 11.33 16.26 -21.51
C ALA A 102 12.46 16.59 -22.48
N HIS A 103 13.69 16.63 -21.98
CA HIS A 103 14.84 16.93 -22.80
C HIS A 103 15.06 15.81 -23.82
N ILE A 104 14.94 14.58 -23.35
CA ILE A 104 15.12 13.42 -24.22
C ILE A 104 14.07 13.47 -25.34
N LEU A 105 12.82 13.69 -24.98
CA LEU A 105 11.75 13.74 -25.96
C LEU A 105 11.98 14.84 -26.99
N GLU A 106 12.36 16.02 -26.52
CA GLU A 106 12.58 17.16 -27.41
C GLU A 106 13.80 16.96 -28.31
N ALA A 107 14.87 16.43 -27.75
CA ALA A 107 16.09 16.22 -28.51
C ALA A 107 15.91 15.17 -29.60
N GLY A 108 15.02 14.22 -29.37
CA GLY A 108 14.81 13.17 -30.35
C GLY A 108 13.42 13.07 -30.93
N LYS A 109 12.71 14.19 -31.00
CA LYS A 109 11.37 14.16 -31.55
C LYS A 109 11.38 13.91 -33.05
N ASP A 110 12.56 13.91 -33.66
CA ASP A 110 12.70 13.64 -35.07
C ASP A 110 12.48 12.15 -35.31
N LYS A 111 12.72 11.37 -34.26
CA LYS A 111 12.57 9.93 -34.33
C LYS A 111 11.13 9.52 -34.09
N LEU A 112 10.29 10.47 -33.76
CA LEU A 112 8.89 10.17 -33.48
C LEU A 112 7.96 10.50 -34.63
N THR A 113 7.00 9.62 -34.84
CA THR A 113 6.00 9.81 -35.87
C THR A 113 4.85 10.54 -35.22
N GLY A 114 4.66 10.28 -33.92
CA GLY A 114 3.61 10.91 -33.16
C GLY A 114 2.58 9.91 -32.68
N LYS A 115 2.52 8.77 -33.35
CA LYS A 115 1.56 7.74 -33.00
C LYS A 115 2.05 6.79 -31.94
N GLU A 116 3.33 6.85 -31.62
CA GLU A 116 3.89 5.97 -30.62
C GLU A 116 3.28 6.33 -29.29
N ARG A 117 2.96 5.33 -28.47
CA ARG A 117 2.43 5.60 -27.15
C ARG A 117 3.61 5.89 -26.24
N LEU A 118 3.54 6.99 -25.52
CA LEU A 118 4.61 7.36 -24.60
C LEU A 118 4.18 7.03 -23.19
N ILE A 119 5.02 6.29 -22.48
CA ILE A 119 4.77 5.92 -21.10
C ILE A 119 5.96 6.46 -20.34
N LEU A 120 5.77 7.62 -19.73
CA LEU A 120 6.81 8.31 -19.03
C LEU A 120 6.66 8.25 -17.51
N GLN A 121 7.75 7.88 -16.85
CA GLN A 121 7.76 7.78 -15.40
C GLN A 121 8.80 8.71 -14.81
N PRO A 122 8.43 9.94 -14.54
CA PRO A 122 9.37 10.90 -13.97
C PRO A 122 9.54 10.70 -12.46
N ASN A 123 10.74 10.90 -11.95
CA ASN A 123 10.97 10.79 -10.53
C ASN A 123 10.51 12.08 -9.81
N ILE A 124 10.59 13.13 -10.57
CA ILE A 124 10.20 14.43 -10.11
C ILE A 124 10.04 15.36 -11.30
N HIS A 125 9.21 16.36 -11.07
CA HIS A 125 8.77 17.32 -12.07
C HIS A 125 8.24 16.74 -13.30
N ALA A 126 7.11 16.13 -13.05
CA ALA A 126 6.44 15.59 -14.12
C ALA A 126 5.91 16.77 -15.02
N VAL A 127 5.78 17.98 -14.44
CA VAL A 127 5.30 19.14 -15.15
C VAL A 127 6.06 19.41 -16.45
N HIS A 128 7.38 19.23 -16.43
CA HIS A 128 8.18 19.46 -17.61
C HIS A 128 7.72 18.57 -18.77
N ILE A 129 7.25 17.38 -18.43
CA ILE A 129 6.78 16.44 -19.42
C ILE A 129 5.44 16.87 -19.97
N ARG A 130 4.55 17.32 -19.09
CA ARG A 130 3.24 17.76 -19.52
C ARG A 130 3.34 18.99 -20.42
N GLU A 131 4.24 19.89 -20.08
CA GLU A 131 4.43 21.08 -20.89
C GLU A 131 4.92 20.69 -22.27
N TRP A 132 5.85 19.76 -22.33
CA TRP A 132 6.38 19.30 -23.60
C TRP A 132 5.31 18.58 -24.40
N LEU A 133 4.56 17.71 -23.75
CA LEU A 133 3.51 16.95 -24.40
C LEU A 133 2.47 17.88 -25.02
N TYR A 134 2.05 18.86 -24.26
CA TYR A 134 1.05 19.80 -24.73
C TYR A 134 1.52 20.57 -25.97
N LYS A 135 2.81 20.79 -26.03
CA LYS A 135 3.40 21.58 -27.09
C LYS A 135 3.57 20.79 -28.35
N GLU A 136 3.87 19.50 -28.21
CA GLU A 136 4.07 18.64 -29.37
C GLU A 136 2.76 17.97 -29.77
N ARG A 137 1.66 18.50 -29.25
CA ARG A 137 0.15 18.34 -29.20
C ARG A 137 -0.43 17.01 -28.63
N TYR A 138 0.48 16.15 -28.16
CA TYR A 138 0.11 14.87 -27.59
C TYR A 138 -1.06 15.01 -26.62
N ALA A 139 -1.74 13.90 -26.38
CA ALA A 139 -2.87 13.88 -25.48
C ALA A 139 -2.58 12.87 -24.37
N LEU A 140 -2.75 13.30 -23.13
CA LEU A 140 -2.54 12.42 -22.00
C LEU A 140 -3.75 11.53 -21.95
N ILE A 141 -3.55 10.23 -22.02
CA ILE A 141 -4.67 9.32 -21.97
C ILE A 141 -4.86 8.73 -20.60
N ASP A 142 -3.84 8.84 -19.76
CA ASP A 142 -3.94 8.34 -18.39
C ASP A 142 -2.72 8.72 -17.57
N GLU A 143 -2.93 8.75 -16.26
CA GLU A 143 -1.91 9.07 -15.30
C GLU A 143 -2.17 8.25 -14.06
N VAL A 144 -1.09 7.88 -13.38
CA VAL A 144 -1.19 7.16 -12.14
C VAL A 144 -0.13 7.69 -11.21
N ILE A 145 -0.45 7.74 -9.93
CA ILE A 145 0.51 8.18 -8.94
C ILE A 145 0.41 7.18 -7.81
N LEU A 146 1.52 6.55 -7.51
CA LEU A 146 1.58 5.56 -6.47
C LEU A 146 2.84 5.75 -5.68
N GLU A 147 2.96 5.03 -4.58
CA GLU A 147 4.17 5.12 -3.79
C GLU A 147 4.75 3.72 -3.64
N GLU A 148 6.07 3.67 -3.53
CA GLU A 148 6.77 2.42 -3.36
C GLU A 148 7.98 2.66 -2.48
N ASP A 149 8.08 1.90 -1.40
CA ASP A 149 9.18 2.03 -0.48
C ASP A 149 9.29 3.47 0.02
N GLY A 150 8.17 4.03 0.44
CA GLY A 150 8.12 5.39 0.96
C GLY A 150 8.46 6.49 -0.02
N LYS A 151 8.31 6.19 -1.30
CA LYS A 151 8.60 7.15 -2.33
C LYS A 151 7.46 7.18 -3.32
N SER A 152 7.02 8.38 -3.69
CA SER A 152 5.93 8.53 -4.62
C SER A 152 6.48 8.61 -6.04
N TYR A 153 5.77 8.02 -6.98
CA TYR A 153 6.20 8.02 -8.35
C TYR A 153 5.00 8.20 -9.25
N GLU A 154 5.19 8.98 -10.30
CA GLU A 154 4.14 9.25 -11.25
C GLU A 154 4.43 8.57 -12.57
N VAL A 155 3.38 8.23 -13.30
CA VAL A 155 3.51 7.60 -14.58
C VAL A 155 2.52 8.28 -15.53
N LEU A 156 3.05 8.85 -16.59
CA LEU A 156 2.23 9.55 -17.57
C LEU A 156 2.15 8.76 -18.86
N VAL A 157 0.95 8.67 -19.41
CA VAL A 157 0.73 7.95 -20.64
C VAL A 157 0.14 8.90 -21.65
N ALA A 158 0.76 8.98 -22.81
CA ALA A 158 0.30 9.86 -23.85
C ALA A 158 0.36 9.23 -25.23
N GLU A 159 -0.52 9.71 -26.09
CA GLU A 159 -0.62 9.27 -27.47
C GLU A 159 -1.08 10.47 -28.30
N ALA A 160 -0.94 10.40 -29.62
CA ALA A 160 -1.40 11.51 -30.43
C ALA A 160 -2.89 11.67 -30.18
N GLY A 161 -3.33 12.91 -30.06
CA GLY A 161 -4.72 13.21 -29.82
C GLY A 161 -4.94 14.67 -29.52
N ASP A 162 -6.07 14.98 -28.91
CA ASP A 162 -6.44 16.33 -28.56
C ASP A 162 -5.88 16.68 -27.21
N ARG A 163 -4.83 17.49 -27.21
CA ARG A 163 -4.13 17.90 -26.00
C ARG A 163 -4.96 18.55 -24.89
N ASP A 164 -6.06 19.23 -25.25
CA ASP A 164 -6.90 19.90 -24.27
C ASP A 164 -7.89 18.96 -23.59
N ALA A 165 -8.24 17.88 -24.27
CA ALA A 165 -9.22 16.93 -23.74
C ALA A 165 -9.00 16.55 -22.29
N ALA A 166 -7.82 16.06 -21.97
CA ALA A 166 -7.51 15.63 -20.61
C ALA A 166 -7.59 16.76 -19.61
N TYR A 167 -7.45 17.99 -20.09
CA TYR A 167 -7.50 19.16 -19.21
C TYR A 167 -8.86 19.80 -19.09
N ASP A 168 -9.87 19.17 -19.64
CA ASP A 168 -11.21 19.71 -19.53
C ASP A 168 -11.59 19.80 -18.07
N GLY A 169 -11.98 20.98 -17.62
CA GLY A 169 -12.39 21.17 -16.25
C GLY A 169 -11.31 21.64 -15.29
N ILE A 170 -10.07 21.72 -15.76
CA ILE A 170 -8.97 22.17 -14.92
C ILE A 170 -8.08 23.12 -15.68
N SER A 171 -7.44 24.04 -14.96
CA SER A 171 -6.54 24.99 -15.60
C SER A 171 -5.27 24.31 -16.10
N LEU A 172 -4.77 24.76 -17.24
CA LEU A 172 -3.57 24.19 -17.80
C LEU A 172 -2.47 24.31 -16.77
N SER A 173 -2.44 25.47 -16.14
CA SER A 173 -1.45 25.77 -15.13
C SER A 173 -1.37 24.68 -14.07
N ALA A 174 -2.50 24.40 -13.43
CA ALA A 174 -2.53 23.38 -12.39
C ALA A 174 -2.42 21.98 -12.98
N GLY A 175 -3.24 21.69 -13.96
CA GLY A 175 -3.23 20.38 -14.59
C GLY A 175 -1.84 19.93 -14.95
N MET A 176 -1.07 20.81 -15.57
CA MET A 176 0.28 20.49 -15.99
C MET A 176 1.22 20.23 -14.83
N LEU A 177 0.97 20.86 -13.70
CA LEU A 177 1.82 20.69 -12.54
C LEU A 177 1.51 19.44 -11.75
N VAL A 178 0.25 19.23 -11.41
CA VAL A 178 -0.10 18.08 -10.60
C VAL A 178 -0.67 16.90 -11.37
N GLY A 179 -1.08 17.12 -12.60
CA GLY A 179 -1.64 16.06 -13.39
C GLY A 179 -3.14 16.18 -13.48
N PRO A 180 -3.66 16.34 -14.68
CA PRO A 180 -5.10 16.47 -14.87
C PRO A 180 -5.88 15.26 -14.38
N PHE A 181 -5.42 14.06 -14.73
CA PHE A 181 -6.09 12.85 -14.30
C PHE A 181 -5.88 12.69 -12.81
N LEU A 182 -4.64 12.88 -12.37
CA LEU A 182 -4.31 12.75 -10.97
C LEU A 182 -5.18 13.68 -10.12
N ALA A 183 -5.36 14.89 -10.61
CA ALA A 183 -6.16 15.88 -9.91
C ALA A 183 -7.60 15.41 -9.71
N LYS A 184 -8.18 14.80 -10.72
CA LYS A 184 -9.55 14.31 -10.65
C LYS A 184 -9.66 13.18 -9.65
N GLU A 185 -8.67 12.28 -9.68
CA GLU A 185 -8.63 11.14 -8.79
C GLU A 185 -8.48 11.59 -7.34
N LYS A 186 -7.49 12.42 -7.08
CA LYS A 186 -7.22 12.92 -5.74
C LYS A 186 -7.04 11.77 -4.76
N ASN A 187 -6.13 10.86 -5.07
CA ASN A 187 -5.90 9.75 -4.17
C ASN A 187 -4.97 10.14 -3.03
N ALA A 188 -4.85 9.27 -2.04
CA ALA A 188 -4.03 9.54 -0.87
C ALA A 188 -2.61 9.98 -1.19
N VAL A 189 -1.95 9.26 -2.08
CA VAL A 189 -0.59 9.58 -2.43
C VAL A 189 -0.51 10.97 -3.02
N PHE A 190 -1.47 11.26 -3.89
CA PHE A 190 -1.56 12.55 -4.56
C PHE A 190 -1.71 13.70 -3.56
N LEU A 191 -2.69 13.58 -2.68
CA LEU A 191 -2.95 14.60 -1.68
C LEU A 191 -1.73 14.82 -0.79
N LYS A 192 -1.17 13.71 -0.31
CA LYS A 192 0.00 13.76 0.55
C LYS A 192 1.16 14.46 -0.14
N LYS A 193 1.40 14.11 -1.40
CA LYS A 193 2.50 14.72 -2.14
C LYS A 193 2.33 16.21 -2.33
N TRP A 194 1.14 16.63 -2.70
CA TRP A 194 0.91 18.04 -2.94
C TRP A 194 0.65 18.84 -1.68
N THR A 195 0.08 18.20 -0.67
CA THR A 195 -0.15 18.88 0.58
C THR A 195 1.20 19.24 1.19
N GLN A 196 2.14 18.32 1.11
CA GLN A 196 3.47 18.55 1.62
C GLN A 196 4.18 19.60 0.79
N GLU A 197 3.99 19.55 -0.52
CA GLU A 197 4.62 20.51 -1.42
C GLU A 197 4.13 21.92 -1.09
N LEU A 198 2.84 22.03 -0.80
CA LEU A 198 2.28 23.32 -0.48
C LEU A 198 2.87 23.81 0.83
N GLN A 199 2.96 22.93 1.81
CA GLN A 199 3.52 23.29 3.10
C GLN A 199 4.94 23.76 2.88
N HIS A 200 5.67 23.08 2.02
CA HIS A 200 7.05 23.46 1.77
C HIS A 200 7.12 24.80 1.04
N THR A 201 6.12 25.11 0.24
CA THR A 201 6.09 26.36 -0.48
C THR A 201 5.82 27.50 0.49
N GLN A 202 4.86 27.30 1.38
CA GLN A 202 4.52 28.32 2.37
C GLN A 202 5.71 28.67 3.26
N SER A 203 6.49 27.66 3.61
CA SER A 203 7.66 27.89 4.47
C SER A 203 8.67 28.77 3.77
N ILE A 204 8.82 28.61 2.46
CA ILE A 204 9.77 29.43 1.74
C ILE A 204 9.19 30.83 1.60
N TYR A 205 7.87 30.91 1.49
CA TYR A 205 7.19 32.19 1.34
C TYR A 205 7.39 33.03 2.58
N GLU A 206 7.11 32.42 3.73
CA GLU A 206 7.27 33.09 5.01
C GLU A 206 8.74 33.34 5.28
N GLN A 207 9.58 32.44 4.80
CA GLN A 207 11.02 32.57 4.99
C GLN A 207 11.54 33.79 4.22
N ILE A 208 11.08 33.94 2.99
CA ILE A 208 11.49 35.07 2.18
C ILE A 208 10.79 36.34 2.65
N SER A 209 9.63 36.16 3.29
CA SER A 209 8.87 37.27 3.79
C SER A 209 9.61 38.04 4.87
N GLN A 210 10.26 37.31 5.77
CA GLN A 210 11.01 37.91 6.86
C GLN A 210 12.30 38.52 6.37
N ALA A 211 12.75 38.09 5.21
CA ALA A 211 13.99 38.61 4.65
C ALA A 211 13.81 40.03 4.12
N ALA A 212 14.83 40.51 3.43
CA ALA A 212 14.84 41.86 2.88
C ALA A 212 13.69 42.14 1.93
N ASP A 213 13.24 43.40 1.94
CA ASP A 213 12.16 43.83 1.06
C ASP A 213 12.78 44.36 -0.22
N THR A 214 13.15 43.46 -1.10
CA THR A 214 13.75 43.84 -2.35
C THR A 214 12.86 43.44 -3.51
N GLU A 215 13.07 44.09 -4.64
CA GLU A 215 12.29 43.80 -5.82
C GLU A 215 12.41 42.32 -6.14
N GLN A 216 13.59 41.78 -5.86
CA GLN A 216 13.87 40.37 -6.12
C GLN A 216 13.07 39.45 -5.24
N ASN A 217 13.10 39.70 -3.94
CA ASN A 217 12.36 38.86 -3.01
C ASN A 217 10.86 38.94 -3.19
N LYS A 218 10.38 40.09 -3.62
CA LYS A 218 8.96 40.26 -3.85
C LYS A 218 8.58 39.48 -5.09
N GLN A 219 9.49 39.39 -6.05
CA GLN A 219 9.20 38.62 -7.25
C GLN A 219 9.16 37.14 -6.87
N LYS A 220 10.08 36.72 -6.02
CA LYS A 220 10.16 35.35 -5.56
C LYS A 220 8.91 34.99 -4.77
N LEU A 221 8.36 35.97 -4.07
CA LEU A 221 7.17 35.74 -3.28
C LEU A 221 5.94 35.61 -4.18
N LYS A 222 5.87 36.45 -5.20
CA LYS A 222 4.75 36.41 -6.12
C LYS A 222 4.58 35.03 -6.72
N GLU A 223 5.69 34.39 -7.06
CA GLU A 223 5.66 33.07 -7.65
C GLU A 223 5.29 32.00 -6.65
N LEU A 224 5.72 32.17 -5.41
CA LEU A 224 5.39 31.22 -4.37
C LEU A 224 3.90 31.29 -4.12
N ALA A 225 3.39 32.51 -4.07
CA ALA A 225 1.96 32.75 -3.85
C ALA A 225 1.16 32.10 -4.96
N ASP A 226 1.56 32.34 -6.20
CA ASP A 226 0.87 31.76 -7.34
C ASP A 226 0.85 30.25 -7.18
N ARG A 227 1.99 29.69 -6.80
CA ARG A 227 2.12 28.26 -6.60
C ARG A 227 1.21 27.80 -5.46
N MET A 228 1.21 28.54 -4.36
CA MET A 228 0.38 28.18 -3.22
C MET A 228 -1.09 28.17 -3.59
N GLU A 229 -1.57 29.24 -4.21
CA GLU A 229 -2.96 29.31 -4.59
C GLU A 229 -3.30 28.17 -5.52
N LEU A 230 -2.41 27.90 -6.45
CA LEU A 230 -2.57 26.83 -7.43
C LEU A 230 -2.78 25.50 -6.71
N LEU A 231 -1.88 25.20 -5.79
CA LEU A 231 -1.96 23.97 -5.04
C LEU A 231 -3.21 23.95 -4.17
N LYS A 232 -3.54 25.10 -3.61
CA LYS A 232 -4.72 25.18 -2.76
C LYS A 232 -5.96 24.79 -3.54
N GLU A 233 -6.01 25.16 -4.81
CA GLU A 233 -7.16 24.86 -5.66
C GLU A 233 -7.25 23.39 -6.03
N VAL A 234 -6.16 22.64 -5.90
CA VAL A 234 -6.18 21.24 -6.26
C VAL A 234 -6.39 20.27 -5.10
N ILE A 235 -6.21 20.73 -3.88
CA ILE A 235 -6.39 19.85 -2.73
C ILE A 235 -7.55 20.29 -1.85
N ASP A 236 -8.37 21.19 -2.37
CA ASP A 236 -9.53 21.72 -1.65
C ASP A 236 -10.25 20.66 -0.84
N GLU B 3 21.26 45.14 -6.54
CA GLU B 3 20.51 44.71 -5.37
C GLU B 3 20.28 43.20 -5.38
N LEU B 4 20.70 42.55 -6.46
CA LEU B 4 20.55 41.11 -6.61
C LEU B 4 21.32 40.32 -5.57
N LYS B 5 20.69 39.27 -5.08
CA LYS B 5 21.30 38.38 -4.12
C LYS B 5 21.13 36.97 -4.68
N LEU B 6 22.07 36.09 -4.41
CA LEU B 6 22.00 34.71 -4.87
C LEU B 6 21.92 33.78 -3.70
N SER B 7 21.45 32.56 -3.95
CA SER B 7 21.40 31.58 -2.89
C SER B 7 22.85 31.23 -2.65
N LYS B 8 23.16 30.61 -1.52
CA LYS B 8 24.54 30.26 -1.24
C LYS B 8 25.00 29.34 -2.36
N ARG B 9 24.10 28.47 -2.76
CA ARG B 9 24.36 27.51 -3.81
C ARG B 9 24.89 28.14 -5.09
N LEU B 10 24.16 29.11 -5.65
CA LEU B 10 24.57 29.77 -6.87
C LEU B 10 25.73 30.74 -6.63
N GLN B 11 25.89 31.18 -5.39
CA GLN B 11 26.97 32.09 -5.07
C GLN B 11 28.26 31.31 -5.20
N THR B 12 28.21 30.05 -4.77
CA THR B 12 29.36 29.16 -4.85
C THR B 12 29.71 28.96 -6.31
N VAL B 13 28.69 28.82 -7.14
CA VAL B 13 28.88 28.66 -8.56
C VAL B 13 29.53 29.91 -9.11
N ALA B 14 29.04 31.05 -8.63
CA ALA B 14 29.56 32.33 -9.10
C ALA B 14 31.04 32.55 -8.80
N GLU B 15 31.46 32.24 -7.58
CA GLU B 15 32.85 32.44 -7.20
C GLU B 15 33.82 31.76 -8.15
N TYR B 16 33.34 30.79 -8.93
CA TYR B 16 34.19 30.07 -9.86
C TYR B 16 34.30 30.68 -11.25
N ILE B 17 33.53 31.73 -11.51
CA ILE B 17 33.58 32.37 -12.81
C ILE B 17 34.90 33.13 -12.95
N PRO B 18 35.67 32.80 -13.97
CA PRO B 18 36.96 33.47 -14.19
C PRO B 18 36.81 34.93 -14.53
N ASN B 19 37.54 35.78 -13.83
CA ASN B 19 37.47 37.22 -14.05
C ASN B 19 37.52 37.60 -15.54
N GLY B 20 36.71 38.59 -15.90
CA GLY B 20 36.63 39.07 -17.27
C GLY B 20 36.15 38.03 -18.24
N ALA B 21 35.47 37.02 -17.74
CA ALA B 21 34.98 35.94 -18.58
C ALA B 21 33.60 36.20 -19.14
N VAL B 22 33.37 35.67 -20.33
CA VAL B 22 32.07 35.75 -20.95
C VAL B 22 31.44 34.43 -20.56
N MET B 23 30.43 34.48 -19.71
CA MET B 23 29.78 33.27 -19.24
C MET B 23 28.50 32.94 -19.96
N ALA B 24 28.11 31.69 -19.83
CA ALA B 24 26.88 31.19 -20.40
C ALA B 24 26.21 30.34 -19.35
N ASP B 25 25.07 30.78 -18.86
CA ASP B 25 24.31 30.06 -17.85
C ASP B 25 23.19 29.28 -18.50
N ILE B 26 23.29 27.96 -18.45
CA ILE B 26 22.30 27.07 -19.05
C ILE B 26 21.17 26.74 -18.08
N GLY B 27 19.94 26.99 -18.50
CA GLY B 27 18.79 26.75 -17.67
C GLY B 27 18.78 27.76 -16.54
N SER B 28 19.07 29.00 -16.91
CA SER B 28 19.17 30.10 -15.96
C SER B 28 17.89 30.37 -15.21
N ASP B 29 18.03 30.57 -13.91
CA ASP B 29 16.91 30.84 -13.03
C ASP B 29 16.68 32.34 -13.00
N HIS B 30 15.75 32.81 -13.82
CA HIS B 30 15.43 34.23 -13.91
C HIS B 30 16.64 35.06 -14.29
N ALA B 31 17.66 34.39 -14.83
CA ALA B 31 18.90 35.05 -15.22
C ALA B 31 19.55 35.80 -14.08
N TYR B 32 19.26 35.37 -12.85
CA TYR B 32 19.83 36.01 -11.68
C TYR B 32 21.35 35.86 -11.62
N LEU B 33 21.80 34.63 -11.76
CA LEU B 33 23.22 34.33 -11.70
C LEU B 33 23.98 35.16 -12.72
N PRO B 34 23.55 35.10 -13.97
CA PRO B 34 24.23 35.88 -15.01
C PRO B 34 24.20 37.38 -14.70
N SER B 35 23.08 37.86 -14.19
CA SER B 35 22.94 39.27 -13.85
C SER B 35 23.85 39.64 -12.70
N TYR B 36 23.88 38.78 -11.70
CA TYR B 36 24.70 38.97 -10.53
C TYR B 36 26.17 39.00 -10.91
N ALA B 37 26.57 38.06 -11.76
CA ALA B 37 27.95 37.95 -12.20
C ALA B 37 28.44 39.20 -12.91
N VAL B 38 27.60 39.76 -13.77
CA VAL B 38 27.95 40.96 -14.51
C VAL B 38 27.91 42.17 -13.59
N LEU B 39 26.83 42.30 -12.84
CA LEU B 39 26.69 43.42 -11.91
C LEU B 39 27.79 43.47 -10.88
N ASN B 40 28.31 42.31 -10.50
CA ASN B 40 29.36 42.27 -9.51
C ASN B 40 30.74 42.11 -10.14
N HIS B 41 30.80 42.38 -11.43
CA HIS B 41 32.05 42.31 -12.17
C HIS B 41 32.77 40.97 -12.12
N LYS B 42 32.03 39.88 -12.01
CA LYS B 42 32.65 38.57 -12.00
C LYS B 42 32.80 38.12 -13.43
N ALA B 43 31.88 38.59 -14.26
CA ALA B 43 31.88 38.27 -15.68
C ALA B 43 31.62 39.55 -16.46
N SER B 44 32.28 39.68 -17.60
CA SER B 44 32.14 40.86 -18.45
C SER B 44 30.85 40.84 -19.25
N GLY B 45 30.40 39.65 -19.59
CA GLY B 45 29.18 39.49 -20.37
C GLY B 45 28.57 38.15 -20.05
N ALA B 46 27.33 37.92 -20.44
CA ALA B 46 26.69 36.65 -20.14
C ALA B 46 25.58 36.28 -21.11
N ILE B 47 25.37 34.97 -21.21
CA ILE B 47 24.34 34.40 -22.04
C ILE B 47 23.46 33.58 -21.12
N ALA B 48 22.17 33.80 -21.17
CA ALA B 48 21.25 33.07 -20.33
C ALA B 48 20.30 32.27 -21.18
N GLY B 49 20.37 30.96 -21.05
CA GLY B 49 19.51 30.08 -21.81
C GLY B 49 18.28 29.64 -21.06
N GLU B 50 17.17 29.56 -21.78
CA GLU B 50 15.89 29.13 -21.24
C GLU B 50 15.22 28.26 -22.29
N ILE B 51 14.68 27.14 -21.86
CA ILE B 51 14.03 26.22 -22.77
C ILE B 51 12.62 26.64 -23.14
N THR B 52 11.76 26.79 -22.15
CA THR B 52 10.37 27.16 -22.38
C THR B 52 10.12 28.66 -22.47
N ASP B 53 9.03 29.01 -23.15
CA ASP B 53 8.63 30.41 -23.36
C ASP B 53 8.61 31.26 -22.10
N GLY B 54 7.81 30.86 -21.12
CA GLY B 54 7.69 31.61 -19.88
C GLY B 54 9.02 32.01 -19.27
N PRO B 55 9.83 31.04 -18.88
CA PRO B 55 11.13 31.36 -18.28
C PRO B 55 11.97 32.23 -19.19
N PHE B 56 11.79 32.05 -20.50
CA PHE B 56 12.53 32.82 -21.49
C PHE B 56 12.11 34.28 -21.40
N LEU B 57 10.81 34.51 -21.30
CA LEU B 57 10.28 35.86 -21.19
C LEU B 57 10.66 36.47 -19.86
N SER B 58 10.53 35.69 -18.80
CA SER B 58 10.83 36.16 -17.46
C SER B 58 12.29 36.54 -17.28
N ALA B 59 13.18 35.91 -18.03
CA ALA B 59 14.59 36.22 -17.93
C ALA B 59 14.86 37.44 -18.77
N LYS B 60 14.28 37.44 -19.96
CA LYS B 60 14.41 38.54 -20.90
C LYS B 60 14.00 39.86 -20.26
N ARG B 61 13.00 39.81 -19.38
CA ARG B 61 12.52 41.00 -18.71
C ARG B 61 13.40 41.34 -17.52
N GLN B 62 13.83 40.31 -16.81
CA GLN B 62 14.70 40.53 -15.66
C GLN B 62 15.89 41.35 -16.14
N VAL B 63 16.54 40.88 -17.20
CA VAL B 63 17.69 41.54 -17.76
C VAL B 63 17.41 42.97 -18.21
N GLU B 64 16.25 43.18 -18.81
CA GLU B 64 15.88 44.51 -19.26
C GLU B 64 15.75 45.47 -18.10
N LYS B 65 14.86 45.15 -17.17
CA LYS B 65 14.66 46.00 -16.02
C LYS B 65 15.99 46.30 -15.36
N SER B 66 16.82 45.28 -15.24
CA SER B 66 18.14 45.43 -14.62
C SER B 66 19.09 46.25 -15.48
N GLY B 67 18.64 46.63 -16.66
CA GLY B 67 19.45 47.40 -17.59
C GLY B 67 20.73 46.70 -17.96
N LEU B 68 20.71 45.37 -18.00
CA LEU B 68 21.88 44.59 -18.35
C LEU B 68 21.85 44.05 -19.77
N ASN B 69 20.88 44.47 -20.55
CA ASN B 69 20.77 44.01 -21.93
C ASN B 69 22.07 44.11 -22.69
N SER B 70 22.77 45.22 -22.51
CA SER B 70 24.02 45.48 -23.20
C SER B 70 25.10 44.47 -22.87
N HIS B 71 24.90 43.71 -21.80
CA HIS B 71 25.89 42.72 -21.39
C HIS B 71 25.34 41.33 -21.16
N ILE B 72 24.05 41.13 -21.43
CA ILE B 72 23.45 39.82 -21.23
C ILE B 72 22.45 39.47 -22.32
N SER B 73 22.73 38.38 -23.03
CA SER B 73 21.85 37.93 -24.09
C SER B 73 21.07 36.72 -23.62
N VAL B 74 19.75 36.89 -23.52
CA VAL B 74 18.87 35.82 -23.10
C VAL B 74 18.45 35.12 -24.38
N ARG B 75 18.71 33.83 -24.47
CA ARG B 75 18.37 33.07 -25.65
C ARG B 75 17.55 31.84 -25.31
N GLN B 76 16.67 31.46 -26.23
CA GLN B 76 15.85 30.30 -26.01
C GLN B 76 16.47 29.10 -26.70
N GLY B 77 16.59 28.01 -25.97
CA GLY B 77 17.17 26.81 -26.52
C GLY B 77 17.32 25.72 -25.50
N ASP B 78 17.80 24.58 -25.97
CA ASP B 78 18.03 23.43 -25.14
C ASP B 78 19.53 23.33 -24.89
N GLY B 79 19.91 23.40 -23.63
CA GLY B 79 21.30 23.30 -23.26
C GLY B 79 22.25 24.24 -23.97
N LEU B 80 23.27 23.66 -24.58
CA LEU B 80 24.30 24.43 -25.26
C LEU B 80 23.91 24.98 -26.62
N GLU B 81 22.66 24.83 -27.00
CA GLU B 81 22.23 25.35 -28.29
C GLU B 81 22.30 26.86 -28.32
N VAL B 82 22.16 27.47 -27.15
CA VAL B 82 22.18 28.92 -27.02
C VAL B 82 23.54 29.58 -27.13
N ILE B 83 24.59 28.79 -27.35
CA ILE B 83 25.92 29.35 -27.48
C ILE B 83 26.64 28.90 -28.75
N LYS B 84 27.52 29.76 -29.25
CA LYS B 84 28.33 29.46 -30.41
C LYS B 84 29.67 29.00 -29.90
N LYS B 85 30.33 28.10 -30.62
CA LYS B 85 31.62 27.61 -30.17
C LYS B 85 32.56 28.76 -29.85
N GLY B 86 33.28 28.63 -28.75
CA GLY B 86 34.24 29.62 -28.32
C GLY B 86 33.66 30.97 -28.00
N GLU B 87 32.35 31.06 -27.88
CA GLU B 87 31.71 32.33 -27.56
C GLU B 87 31.73 32.60 -26.06
N ALA B 88 31.82 31.53 -25.27
CA ALA B 88 31.86 31.67 -23.83
C ALA B 88 33.16 31.17 -23.23
N ASP B 89 33.55 31.76 -22.12
CA ASP B 89 34.77 31.38 -21.41
C ASP B 89 34.44 30.39 -20.32
N ALA B 90 33.28 30.56 -19.73
CA ALA B 90 32.83 29.69 -18.66
C ALA B 90 31.38 29.37 -18.88
N ILE B 91 31.03 28.12 -18.60
CA ILE B 91 29.67 27.67 -18.74
C ILE B 91 29.16 27.16 -17.41
N THR B 92 28.04 27.69 -16.98
CA THR B 92 27.44 27.30 -15.72
C THR B 92 26.14 26.56 -15.97
N ILE B 93 26.02 25.39 -15.35
CA ILE B 93 24.84 24.57 -15.46
C ILE B 93 24.48 24.11 -14.07
N ALA B 94 23.40 24.67 -13.53
CA ALA B 94 22.99 24.33 -12.18
C ALA B 94 21.50 24.10 -12.01
N GLY B 95 21.14 23.60 -10.85
CA GLY B 95 19.76 23.33 -10.53
C GLY B 95 19.17 22.21 -11.35
N MET B 96 20.01 21.25 -11.70
CA MET B 96 19.54 20.12 -12.48
C MET B 96 20.18 18.82 -12.01
N GLY B 97 19.58 17.72 -12.44
CA GLY B 97 20.08 16.41 -12.11
C GLY B 97 21.40 16.19 -12.81
N GLY B 98 22.22 15.34 -12.21
CA GLY B 98 23.51 15.02 -12.75
C GLY B 98 23.40 14.43 -14.14
N ALA B 99 22.37 13.62 -14.35
CA ALA B 99 22.15 12.98 -15.63
C ALA B 99 21.82 14.01 -16.71
N LEU B 100 20.94 14.95 -16.39
CA LEU B 100 20.56 15.97 -17.34
C LEU B 100 21.75 16.84 -17.71
N ILE B 101 22.59 17.17 -16.74
CA ILE B 101 23.76 17.98 -16.98
C ILE B 101 24.68 17.27 -17.96
N ALA B 102 24.87 15.98 -17.75
CA ALA B 102 25.72 15.19 -18.63
C ALA B 102 25.11 15.18 -20.03
N HIS B 103 23.83 14.88 -20.10
CA HIS B 103 23.13 14.85 -21.38
C HIS B 103 23.25 16.17 -22.12
N ILE B 104 23.38 17.26 -21.38
CA ILE B 104 23.51 18.57 -22.00
C ILE B 104 24.93 18.74 -22.51
N LEU B 105 25.91 18.36 -21.71
CA LEU B 105 27.30 18.46 -22.12
C LEU B 105 27.58 17.58 -23.33
N GLU B 106 26.95 16.41 -23.36
CA GLU B 106 27.14 15.48 -24.46
C GLU B 106 26.47 15.94 -25.74
N ALA B 107 25.27 16.50 -25.62
CA ALA B 107 24.51 16.95 -26.77
C ALA B 107 25.15 18.12 -27.51
N GLY B 108 25.71 19.06 -26.78
CA GLY B 108 26.33 20.22 -27.40
C GLY B 108 27.82 20.28 -27.23
N LYS B 109 28.47 19.12 -27.19
CA LYS B 109 29.91 19.08 -27.00
C LYS B 109 30.68 19.65 -28.18
N ASP B 110 30.03 19.75 -29.33
CA ASP B 110 30.67 20.29 -30.51
C ASP B 110 30.80 21.81 -30.37
N LYS B 111 30.05 22.37 -29.44
CA LYS B 111 30.07 23.79 -29.17
C LYS B 111 31.20 24.13 -28.21
N LEU B 112 31.89 23.12 -27.70
CA LEU B 112 32.97 23.34 -26.76
C LEU B 112 34.35 23.22 -27.37
N THR B 113 35.28 24.00 -26.84
CA THR B 113 36.65 23.99 -27.31
C THR B 113 37.54 23.28 -26.31
N GLY B 114 36.95 22.84 -25.21
CA GLY B 114 37.71 22.19 -24.17
C GLY B 114 38.48 23.20 -23.35
N LYS B 115 38.39 24.46 -23.76
CA LYS B 115 39.07 25.54 -23.08
C LYS B 115 38.14 26.22 -22.11
N GLU B 116 36.84 26.00 -22.27
CA GLU B 116 35.84 26.60 -21.39
C GLU B 116 35.93 26.03 -20.01
N ARG B 117 35.67 26.86 -19.01
CA ARG B 117 35.66 26.36 -17.65
C ARG B 117 34.23 25.94 -17.40
N LEU B 118 34.06 24.69 -17.00
CA LEU B 118 32.74 24.17 -16.73
C LEU B 118 32.47 24.23 -15.25
N ILE B 119 31.35 24.85 -14.92
CA ILE B 119 30.92 25.00 -13.55
C ILE B 119 29.56 24.33 -13.46
N LEU B 120 29.57 23.12 -12.94
CA LEU B 120 28.38 22.31 -12.86
C LEU B 120 27.89 22.06 -11.46
N GLN B 121 26.60 22.31 -11.24
CA GLN B 121 25.99 22.12 -9.94
C GLN B 121 24.83 21.14 -10.01
N PRO B 122 25.13 19.86 -9.93
CA PRO B 122 24.08 18.84 -9.99
C PRO B 122 23.33 18.71 -8.69
N ASN B 123 22.03 18.46 -8.80
CA ASN B 123 21.19 18.27 -7.64
C ASN B 123 21.40 16.89 -7.05
N ILE B 124 21.74 15.94 -7.91
CA ILE B 124 21.99 14.57 -7.52
C ILE B 124 22.75 13.84 -8.61
N HIS B 125 23.33 12.70 -8.27
CA HIS B 125 24.04 11.91 -9.24
C HIS B 125 25.16 12.70 -9.92
N ALA B 126 26.01 13.32 -9.13
CA ALA B 126 27.12 14.07 -9.69
C ALA B 126 27.92 13.10 -10.56
N VAL B 127 27.87 11.83 -10.17
CA VAL B 127 28.57 10.76 -10.86
C VAL B 127 28.45 10.82 -12.37
N HIS B 128 27.24 11.03 -12.87
CA HIS B 128 27.01 11.10 -14.31
C HIS B 128 27.88 12.19 -14.95
N ILE B 129 28.06 13.31 -14.24
CA ILE B 129 28.88 14.39 -14.77
C ILE B 129 30.36 14.02 -14.82
N ARG B 130 30.85 13.40 -13.75
CA ARG B 130 32.24 13.01 -13.69
C ARG B 130 32.55 11.99 -14.77
N GLU B 131 31.66 11.04 -14.98
CA GLU B 131 31.86 10.03 -16.00
C GLU B 131 32.03 10.72 -17.35
N TRP B 132 31.20 11.72 -17.62
CA TRP B 132 31.28 12.44 -18.88
C TRP B 132 32.57 13.23 -19.00
N LEU B 133 32.91 13.97 -17.95
CA LEU B 133 34.11 14.78 -17.95
C LEU B 133 35.33 13.92 -18.22
N TYR B 134 35.36 12.73 -17.62
CA TYR B 134 36.47 11.82 -17.81
C TYR B 134 36.51 11.35 -19.25
N LYS B 135 35.37 10.92 -19.74
CA LYS B 135 35.25 10.44 -21.11
C LYS B 135 35.74 11.48 -22.11
N GLU B 136 35.52 12.76 -21.82
CA GLU B 136 35.92 13.81 -22.74
C GLU B 136 37.23 14.49 -22.36
N ARG B 137 38.08 13.75 -21.65
CA ARG B 137 39.39 14.22 -21.25
C ARG B 137 39.42 15.54 -20.47
N TYR B 138 38.39 15.78 -19.66
CA TYR B 138 38.35 16.98 -18.87
C TYR B 138 38.99 16.69 -17.54
N ALA B 139 39.46 17.73 -16.87
CA ALA B 139 40.07 17.58 -15.58
C ALA B 139 39.23 18.30 -14.54
N LEU B 140 39.00 17.63 -13.42
CA LEU B 140 38.26 18.24 -12.34
C LEU B 140 39.29 19.06 -11.61
N ILE B 141 39.14 20.38 -11.65
CA ILE B 141 40.11 21.23 -10.99
C ILE B 141 39.69 21.54 -9.56
N ASP B 142 38.40 21.36 -9.26
CA ASP B 142 37.92 21.60 -7.92
C ASP B 142 36.50 21.12 -7.72
N GLU B 143 36.18 20.80 -6.47
CA GLU B 143 34.86 20.36 -6.08
C GLU B 143 34.55 20.87 -4.71
N VAL B 144 33.30 21.12 -4.45
CA VAL B 144 32.89 21.55 -3.14
C VAL B 144 31.49 21.04 -2.88
N ILE B 145 31.23 20.72 -1.63
CA ILE B 145 29.92 20.26 -1.24
C ILE B 145 29.56 21.01 0.02
N LEU B 146 28.52 21.81 -0.09
CA LEU B 146 28.05 22.60 1.03
C LEU B 146 26.58 22.33 1.21
N GLU B 147 25.96 23.04 2.12
CA GLU B 147 24.55 22.85 2.35
C GLU B 147 23.86 24.19 2.51
N GLU B 148 22.65 24.26 2.01
CA GLU B 148 21.85 25.46 2.08
C GLU B 148 20.48 25.01 2.49
N ASP B 149 20.01 25.52 3.62
CA ASP B 149 18.71 25.12 4.11
C ASP B 149 18.82 23.67 4.50
N GLY B 150 19.98 23.32 5.06
CA GLY B 150 20.27 21.97 5.47
C GLY B 150 20.43 20.99 4.33
N LYS B 151 20.10 21.42 3.11
CA LYS B 151 20.21 20.56 1.93
C LYS B 151 21.60 20.58 1.35
N SER B 152 22.08 19.42 0.91
CA SER B 152 23.42 19.31 0.35
C SER B 152 23.48 19.66 -1.12
N TYR B 153 24.53 20.36 -1.52
CA TYR B 153 24.70 20.73 -2.91
C TYR B 153 26.16 20.62 -3.31
N GLU B 154 26.39 20.03 -4.49
CA GLU B 154 27.73 19.86 -4.99
C GLU B 154 27.97 20.74 -6.19
N VAL B 155 29.20 21.21 -6.32
CA VAL B 155 29.59 22.05 -7.43
C VAL B 155 30.88 21.50 -8.00
N LEU B 156 30.88 21.22 -9.30
CA LEU B 156 32.04 20.66 -9.96
C LEU B 156 32.59 21.65 -10.98
N VAL B 157 33.90 21.85 -10.96
CA VAL B 157 34.55 22.77 -11.87
C VAL B 157 35.57 22.00 -12.68
N ALA B 158 35.43 22.07 -13.99
CA ALA B 158 36.32 21.35 -14.87
C ALA B 158 36.89 22.18 -15.99
N GLU B 159 38.09 21.80 -16.40
CA GLU B 159 38.81 22.43 -17.49
C GLU B 159 39.62 21.36 -18.19
N ALA B 160 40.12 21.67 -19.37
CA ALA B 160 40.92 20.69 -20.09
C ALA B 160 42.10 20.32 -19.22
N GLY B 161 42.66 19.14 -19.45
CA GLY B 161 43.80 18.71 -18.68
C GLY B 161 43.86 17.22 -18.47
N ASP B 162 44.69 16.84 -17.51
CA ASP B 162 44.87 15.45 -17.18
C ASP B 162 43.65 14.99 -16.41
N ARG B 163 42.86 14.14 -17.04
CA ARG B 163 41.64 13.61 -16.45
C ARG B 163 41.87 12.71 -15.24
N ASP B 164 43.07 12.20 -15.09
CA ASP B 164 43.38 11.33 -13.96
C ASP B 164 43.94 12.08 -12.77
N ALA B 165 44.46 13.28 -12.98
CA ALA B 165 45.06 14.07 -11.91
C ALA B 165 44.21 14.16 -10.65
N ALA B 166 42.95 14.52 -10.82
CA ALA B 166 42.05 14.66 -9.68
C ALA B 166 41.82 13.35 -8.96
N TYR B 167 41.97 12.24 -9.67
CA TYR B 167 41.73 10.94 -9.06
C TYR B 167 42.98 10.31 -8.43
N ASP B 168 44.09 11.01 -8.51
CA ASP B 168 45.32 10.52 -7.91
C ASP B 168 45.01 10.20 -6.45
N GLY B 169 45.35 8.99 -6.02
CA GLY B 169 45.11 8.59 -4.65
C GLY B 169 43.75 7.96 -4.41
N ILE B 170 43.00 7.72 -5.47
CA ILE B 170 41.68 7.13 -5.31
C ILE B 170 41.21 6.45 -6.59
N SER B 171 40.41 5.41 -6.45
CA SER B 171 39.90 4.70 -7.61
C SER B 171 38.87 5.56 -8.32
N LEU B 172 38.85 5.46 -9.63
CA LEU B 172 37.90 6.21 -10.44
C LEU B 172 36.49 5.90 -10.00
N SER B 173 36.23 4.62 -9.76
CA SER B 173 34.91 4.17 -9.37
C SER B 173 34.36 4.96 -8.20
N ALA B 174 35.12 5.03 -7.12
CA ALA B 174 34.70 5.76 -5.94
C ALA B 174 34.74 7.26 -6.16
N GLY B 175 35.83 7.74 -6.73
CA GLY B 175 35.98 9.15 -6.99
C GLY B 175 34.90 9.75 -7.86
N MET B 176 34.44 8.98 -8.84
CA MET B 176 33.41 9.45 -9.75
C MET B 176 32.06 9.54 -9.07
N LEU B 177 31.80 8.65 -8.14
CA LEU B 177 30.55 8.62 -7.43
C LEU B 177 30.45 9.71 -6.37
N VAL B 178 31.48 9.85 -5.57
CA VAL B 178 31.48 10.83 -4.50
C VAL B 178 32.33 12.09 -4.73
N GLY B 179 33.24 12.05 -5.69
CA GLY B 179 34.10 13.18 -5.97
C GLY B 179 35.49 12.94 -5.40
N PRO B 180 36.49 12.91 -6.26
CA PRO B 180 37.87 12.67 -5.82
C PRO B 180 38.35 13.70 -4.79
N PHE B 181 38.07 14.97 -5.01
CA PHE B 181 38.49 16.00 -4.08
C PHE B 181 37.60 15.97 -2.83
N LEU B 182 36.30 15.87 -3.05
CA LEU B 182 35.36 15.80 -1.94
C LEU B 182 35.71 14.65 -1.02
N ALA B 183 36.25 13.58 -1.58
CA ALA B 183 36.63 12.42 -0.79
C ALA B 183 37.86 12.72 0.04
N LYS B 184 38.85 13.39 -0.54
CA LYS B 184 40.07 13.74 0.19
C LYS B 184 39.69 14.65 1.35
N GLU B 185 38.80 15.60 1.06
CA GLU B 185 38.34 16.59 2.04
C GLU B 185 37.52 15.99 3.17
N LYS B 186 36.49 15.25 2.83
CA LYS B 186 35.62 14.65 3.84
C LYS B 186 35.08 15.67 4.83
N ASN B 187 34.35 16.67 4.35
CA ASN B 187 33.79 17.66 5.26
C ASN B 187 32.55 17.08 5.91
N ALA B 188 31.96 17.82 6.84
CA ALA B 188 30.79 17.35 7.57
C ALA B 188 29.59 17.09 6.67
N VAL B 189 29.43 17.89 5.63
CA VAL B 189 28.31 17.70 4.73
C VAL B 189 28.57 16.45 3.90
N PHE B 190 29.82 16.24 3.55
CA PHE B 190 30.22 15.08 2.77
C PHE B 190 30.01 13.76 3.51
N LEU B 191 30.46 13.72 4.75
CA LEU B 191 30.35 12.51 5.54
C LEU B 191 28.90 12.14 5.86
N LYS B 192 28.06 13.13 6.11
CA LYS B 192 26.67 12.85 6.42
C LYS B 192 25.97 12.29 5.20
N LYS B 193 26.13 12.97 4.08
CA LYS B 193 25.50 12.56 2.84
C LYS B 193 25.77 11.11 2.50
N TRP B 194 27.04 10.75 2.47
CA TRP B 194 27.40 9.40 2.09
C TRP B 194 27.17 8.37 3.19
N THR B 195 27.12 8.81 4.44
CA THR B 195 26.84 7.88 5.52
C THR B 195 25.38 7.49 5.35
N GLN B 196 24.57 8.50 5.07
CA GLN B 196 23.15 8.29 4.86
C GLN B 196 22.95 7.43 3.65
N GLU B 197 23.71 7.71 2.60
CA GLU B 197 23.60 6.95 1.36
C GLU B 197 23.99 5.49 1.57
N LEU B 198 25.07 5.28 2.31
CA LEU B 198 25.54 3.93 2.58
C LEU B 198 24.51 3.17 3.38
N GLN B 199 23.88 3.86 4.32
CA GLN B 199 22.88 3.25 5.18
C GLN B 199 21.63 2.87 4.38
N HIS B 200 21.20 3.74 3.48
CA HIS B 200 20.03 3.47 2.68
C HIS B 200 20.32 2.29 1.78
N THR B 201 21.56 2.21 1.32
CA THR B 201 21.97 1.13 0.46
C THR B 201 21.96 -0.17 1.24
N GLN B 202 22.38 -0.08 2.50
CA GLN B 202 22.40 -1.23 3.38
C GLN B 202 20.98 -1.70 3.63
N SER B 203 20.09 -0.76 3.86
CA SER B 203 18.69 -1.07 4.12
C SER B 203 18.07 -1.83 2.96
N ILE B 204 18.38 -1.38 1.75
CA ILE B 204 17.85 -2.01 0.56
C ILE B 204 18.46 -3.40 0.41
N TYR B 205 19.74 -3.52 0.73
CA TYR B 205 20.44 -4.79 0.64
C TYR B 205 19.76 -5.81 1.55
N GLU B 206 19.44 -5.37 2.76
CA GLU B 206 18.80 -6.23 3.73
C GLU B 206 17.36 -6.54 3.32
N GLN B 207 16.70 -5.57 2.73
CA GLN B 207 15.34 -5.76 2.26
C GLN B 207 15.28 -6.85 1.19
N ILE B 208 16.20 -6.81 0.25
CA ILE B 208 16.25 -7.77 -0.83
C ILE B 208 16.84 -9.10 -0.38
N SER B 209 17.60 -9.08 0.70
CA SER B 209 18.19 -10.31 1.21
C SER B 209 17.10 -11.17 1.82
N GLN B 210 16.04 -10.53 2.28
CA GLN B 210 14.92 -11.22 2.89
C GLN B 210 13.91 -11.68 1.84
N ALA B 211 14.13 -11.29 0.60
CA ALA B 211 13.23 -11.66 -0.47
C ALA B 211 13.68 -12.97 -1.09
N ALA B 212 12.95 -13.41 -2.12
CA ALA B 212 13.26 -14.66 -2.79
C ALA B 212 14.70 -14.72 -3.28
N ASP B 213 15.31 -15.90 -3.15
CA ASP B 213 16.68 -16.10 -3.61
C ASP B 213 16.67 -16.37 -5.10
N THR B 214 16.58 -15.31 -5.90
CA THR B 214 16.56 -15.47 -7.35
C THR B 214 17.82 -14.87 -7.98
N GLU B 215 18.08 -15.27 -9.21
CA GLU B 215 19.24 -14.78 -9.93
C GLU B 215 19.17 -13.27 -10.05
N GLN B 216 17.97 -12.77 -10.26
CA GLN B 216 17.74 -11.34 -10.40
C GLN B 216 18.07 -10.59 -9.11
N ASN B 217 17.58 -11.10 -8.00
CA ASN B 217 17.84 -10.45 -6.72
C ASN B 217 19.31 -10.53 -6.35
N LYS B 218 19.98 -11.59 -6.77
CA LYS B 218 21.39 -11.75 -6.46
C LYS B 218 22.25 -10.78 -7.22
N GLN B 219 21.84 -10.40 -8.43
CA GLN B 219 22.61 -9.45 -9.20
C GLN B 219 22.43 -8.08 -8.55
N LYS B 220 21.24 -7.85 -8.01
CA LYS B 220 20.97 -6.60 -7.34
C LYS B 220 21.78 -6.53 -6.05
N LEU B 221 21.80 -7.64 -5.33
CA LEU B 221 22.55 -7.73 -4.09
C LEU B 221 24.02 -7.49 -4.38
N LYS B 222 24.47 -7.99 -5.52
CA LYS B 222 25.86 -7.84 -5.93
C LYS B 222 26.19 -6.38 -6.19
N GLU B 223 25.30 -5.70 -6.90
CA GLU B 223 25.49 -4.30 -7.21
C GLU B 223 25.37 -3.43 -5.97
N LEU B 224 24.50 -3.83 -5.05
CA LEU B 224 24.33 -3.09 -3.83
C LEU B 224 25.58 -3.21 -2.98
N ALA B 225 26.05 -4.43 -2.80
CA ALA B 225 27.25 -4.69 -2.00
C ALA B 225 28.45 -3.98 -2.60
N ASP B 226 28.49 -3.88 -3.92
CA ASP B 226 29.57 -3.21 -4.62
C ASP B 226 29.57 -1.74 -4.23
N ARG B 227 28.39 -1.15 -4.17
CA ARG B 227 28.25 0.26 -3.81
C ARG B 227 28.64 0.49 -2.35
N MET B 228 28.20 -0.41 -1.49
CA MET B 228 28.48 -0.31 -0.06
C MET B 228 29.97 -0.36 0.22
N GLU B 229 30.65 -1.29 -0.44
CA GLU B 229 32.08 -1.44 -0.26
C GLU B 229 32.76 -0.18 -0.71
N LEU B 230 32.27 0.36 -1.81
CA LEU B 230 32.80 1.58 -2.40
C LEU B 230 32.71 2.74 -1.41
N LEU B 231 31.52 2.94 -0.87
CA LEU B 231 31.29 4.02 0.07
C LEU B 231 32.01 3.78 1.39
N LYS B 232 32.05 2.53 1.83
CA LYS B 232 32.70 2.20 3.07
C LYS B 232 34.17 2.57 2.97
N GLU B 233 34.73 2.38 1.80
CA GLU B 233 36.13 2.70 1.58
C GLU B 233 36.43 4.20 1.67
N VAL B 234 35.46 5.05 1.37
CA VAL B 234 35.73 6.47 1.44
C VAL B 234 35.36 7.13 2.77
N ILE B 235 34.36 6.60 3.47
CA ILE B 235 33.96 7.22 4.73
C ILE B 235 34.37 6.50 6.00
N ASP B 236 34.56 5.19 5.95
CA ASP B 236 34.93 4.46 7.15
C ASP B 236 36.19 5.03 7.79
N GLU C 3 -12.91 15.65 18.54
CA GLU C 3 -13.13 15.03 19.84
C GLU C 3 -13.33 13.52 19.68
N LEU C 4 -12.71 12.95 18.67
CA LEU C 4 -12.83 11.53 18.44
C LEU C 4 -11.86 10.78 19.31
N LYS C 5 -12.38 9.87 20.10
CA LYS C 5 -11.56 9.06 20.97
C LYS C 5 -11.85 7.61 20.63
N LEU C 6 -10.86 6.74 20.87
CA LEU C 6 -11.04 5.33 20.61
C LEU C 6 -10.88 4.54 21.88
N SER C 7 -11.36 3.31 21.86
CA SER C 7 -11.21 2.44 22.99
C SER C 7 -9.74 2.10 23.02
N LYS C 8 -9.26 1.57 24.12
CA LYS C 8 -7.86 1.20 24.22
C LYS C 8 -7.55 0.15 23.18
N ARG C 9 -8.53 -0.69 22.93
CA ARG C 9 -8.41 -1.77 21.96
C ARG C 9 -8.09 -1.26 20.58
N LEU C 10 -8.90 -0.32 20.08
CA LEU C 10 -8.69 0.24 18.76
C LEU C 10 -7.49 1.19 18.75
N GLN C 11 -7.19 1.79 19.89
CA GLN C 11 -6.06 2.68 19.99
C GLN C 11 -4.82 1.87 19.72
N THR C 12 -4.77 0.68 20.33
CA THR C 12 -3.67 -0.23 20.16
C THR C 12 -3.53 -0.61 18.69
N VAL C 13 -4.66 -0.83 18.04
CA VAL C 13 -4.67 -1.17 16.63
C VAL C 13 -4.04 -0.06 15.82
N ALA C 14 -4.50 1.16 16.08
CA ALA C 14 -4.01 2.33 15.37
C ALA C 14 -2.50 2.54 15.45
N GLU C 15 -1.92 2.26 16.61
CA GLU C 15 -0.49 2.42 16.81
C GLU C 15 0.36 1.57 15.89
N TYR C 16 -0.24 0.56 15.28
CA TYR C 16 0.50 -0.31 14.39
C TYR C 16 0.40 0.15 12.95
N ILE C 17 -0.43 1.15 12.69
CA ILE C 17 -0.57 1.69 11.36
C ILE C 17 0.73 2.39 10.99
N PRO C 18 1.37 1.96 9.93
CA PRO C 18 2.63 2.62 9.53
C PRO C 18 2.37 4.07 9.14
N ASN C 19 3.31 4.95 9.45
CA ASN C 19 3.16 6.37 9.14
C ASN C 19 2.99 6.60 7.65
N GLY C 20 2.08 7.51 7.31
CA GLY C 20 1.77 7.86 5.94
C GLY C 20 1.04 6.78 5.16
N ALA C 21 0.65 5.72 5.86
CA ALA C 21 -0.02 4.59 5.24
C ALA C 21 -1.47 4.82 4.86
N VAL C 22 -1.86 4.18 3.78
CA VAL C 22 -3.24 4.21 3.33
C VAL C 22 -3.79 2.97 4.02
N MET C 23 -4.74 3.17 4.93
CA MET C 23 -5.29 2.06 5.66
C MET C 23 -6.68 1.70 5.18
N ALA C 24 -7.09 0.48 5.51
CA ALA C 24 -8.42 0.00 5.17
C ALA C 24 -8.94 -0.72 6.39
N ASP C 25 -9.98 -0.16 6.99
CA ASP C 25 -10.59 -0.75 8.17
C ASP C 25 -11.79 -1.59 7.76
N ILE C 26 -11.67 -2.89 7.97
CA ILE C 26 -12.73 -3.83 7.59
C ILE C 26 -13.77 -3.98 8.69
N GLY C 27 -15.03 -3.78 8.34
CA GLY C 27 -16.11 -3.87 9.30
C GLY C 27 -15.89 -2.75 10.29
N SER C 28 -15.57 -1.57 9.76
CA SER C 28 -15.28 -0.39 10.55
C SER C 28 -16.42 0.06 11.45
N ASP C 29 -16.06 0.33 12.70
CA ASP C 29 -16.99 0.78 13.73
C ASP C 29 -17.25 2.28 13.59
N HIS C 30 -18.22 2.63 12.77
CA HIS C 30 -18.58 4.03 12.53
C HIS C 30 -17.42 4.80 11.91
N ALA C 31 -16.44 4.09 11.40
CA ALA C 31 -15.28 4.70 10.78
C ALA C 31 -14.50 5.55 11.78
N TYR C 32 -14.66 5.28 13.07
CA TYR C 32 -13.96 6.03 14.09
C TYR C 32 -12.45 5.79 13.99
N LEU C 33 -12.06 4.53 13.87
CA LEU C 33 -10.65 4.17 13.77
C LEU C 33 -9.99 4.89 12.61
N PRO C 34 -10.56 4.77 11.42
CA PRO C 34 -9.98 5.43 10.24
C PRO C 34 -9.92 6.96 10.38
N SER C 35 -10.97 7.54 10.95
CA SER C 35 -11.04 8.97 11.14
C SER C 35 -9.96 9.41 12.11
N TYR C 36 -9.83 8.68 13.21
CA TYR C 36 -8.82 8.98 14.20
C TYR C 36 -7.44 8.92 13.57
N ALA C 37 -7.24 7.89 12.75
CA ALA C 37 -5.97 7.70 12.08
C ALA C 37 -5.58 8.90 11.23
N VAL C 38 -6.54 9.39 10.46
CA VAL C 38 -6.33 10.52 9.58
C VAL C 38 -6.13 11.80 10.39
N LEU C 39 -7.01 12.03 11.35
CA LEU C 39 -6.92 13.22 12.17
C LEU C 39 -5.62 13.30 12.94
N ASN C 40 -5.06 12.16 13.30
CA ASN C 40 -3.84 12.14 14.07
C ASN C 40 -2.57 11.81 13.32
N HIS C 41 -2.58 12.08 12.02
CA HIS C 41 -1.40 11.90 11.19
C HIS C 41 -0.86 10.46 11.16
N LYS C 42 -1.72 9.50 11.43
CA LYS C 42 -1.29 8.12 11.41
C LYS C 42 -1.52 7.48 10.04
N ALA C 43 -2.51 7.98 9.31
CA ALA C 43 -2.79 7.48 7.98
C ALA C 43 -2.96 8.61 6.99
N SER C 44 -2.41 8.41 5.80
CA SER C 44 -2.50 9.39 4.73
C SER C 44 -3.90 9.38 4.15
N GLY C 45 -4.54 8.23 4.29
CA GLY C 45 -5.89 8.04 3.78
C GLY C 45 -6.44 6.72 4.27
N ALA C 46 -7.74 6.55 4.18
CA ALA C 46 -8.33 5.32 4.64
C ALA C 46 -9.58 4.91 3.89
N ILE C 47 -9.89 3.62 4.02
CA ILE C 47 -11.05 3.03 3.43
C ILE C 47 -11.81 2.36 4.56
N ALA C 48 -13.09 2.66 4.67
CA ALA C 48 -13.91 2.08 5.70
C ALA C 48 -14.91 1.14 5.07
N GLY C 49 -14.68 -0.15 5.25
CA GLY C 49 -15.54 -1.16 4.69
C GLY C 49 -16.65 -1.58 5.62
N GLU C 50 -17.85 -1.66 5.07
CA GLU C 50 -19.02 -2.09 5.80
C GLU C 50 -19.72 -3.08 4.90
N ILE C 51 -20.27 -4.12 5.48
CA ILE C 51 -20.95 -5.13 4.69
C ILE C 51 -22.45 -4.82 4.55
N THR C 52 -23.11 -4.53 5.67
CA THR C 52 -24.52 -4.24 5.64
C THR C 52 -24.84 -2.75 5.53
N ASP C 53 -26.06 -2.47 5.08
CA ASP C 53 -26.54 -1.10 4.87
C ASP C 53 -26.41 -0.20 6.09
N GLY C 54 -26.94 -0.64 7.21
CA GLY C 54 -26.89 0.14 8.43
C GLY C 54 -25.52 0.68 8.76
N PRO C 55 -24.58 -0.19 9.06
CA PRO C 55 -23.22 0.27 9.38
C PRO C 55 -22.60 1.09 8.26
N PHE C 56 -23.03 0.85 7.02
CA PHE C 56 -22.49 1.58 5.89
C PHE C 56 -22.91 3.03 5.96
N LEU C 57 -24.19 3.28 6.17
CA LEU C 57 -24.67 4.64 6.27
C LEU C 57 -23.99 5.40 7.41
N SER C 58 -24.10 4.88 8.63
CA SER C 58 -23.52 5.52 9.80
C SER C 58 -22.04 5.85 9.62
N ALA C 59 -21.29 4.96 9.00
CA ALA C 59 -19.88 5.22 8.79
C ALA C 59 -19.73 6.37 7.82
N LYS C 60 -20.55 6.35 6.79
CA LYS C 60 -20.51 7.39 5.78
C LYS C 60 -20.92 8.73 6.37
N ARG C 61 -21.92 8.72 7.23
CA ARG C 61 -22.39 9.96 7.84
C ARG C 61 -21.37 10.53 8.81
N GLN C 62 -20.66 9.67 9.52
CA GLN C 62 -19.64 10.12 10.45
C GLN C 62 -18.54 10.80 9.65
N VAL C 63 -18.11 10.15 8.58
CA VAL C 63 -17.05 10.69 7.73
C VAL C 63 -17.43 12.05 7.16
N GLU C 64 -18.65 12.17 6.66
CA GLU C 64 -19.13 13.43 6.11
C GLU C 64 -19.17 14.49 7.19
N LYS C 65 -19.79 14.14 8.30
CA LYS C 65 -19.92 15.03 9.45
C LYS C 65 -18.53 15.47 9.87
N SER C 66 -17.62 14.52 9.92
CA SER C 66 -16.25 14.81 10.32
C SER C 66 -15.52 15.66 9.29
N GLY C 67 -16.06 15.74 8.08
CA GLY C 67 -15.44 16.50 7.02
C GLY C 67 -14.22 15.80 6.48
N LEU C 68 -14.21 14.47 6.56
CA LEU C 68 -13.07 13.67 6.11
C LEU C 68 -13.29 12.89 4.82
N ASN C 69 -14.24 13.30 4.01
CA ASN C 69 -14.54 12.63 2.74
C ASN C 69 -13.38 12.56 1.76
N SER C 70 -12.55 13.60 1.75
CA SER C 70 -11.44 13.65 0.84
C SER C 70 -10.33 12.68 1.23
N HIS C 71 -10.34 12.23 2.47
CA HIS C 71 -9.32 11.31 2.94
C HIS C 71 -9.84 9.92 3.30
N ILE C 72 -11.13 9.82 3.53
CA ILE C 72 -11.74 8.55 3.89
C ILE C 72 -12.84 8.12 2.93
N SER C 73 -12.72 6.91 2.43
CA SER C 73 -13.69 6.36 1.50
C SER C 73 -14.45 5.22 2.17
N VAL C 74 -15.72 5.45 2.43
CA VAL C 74 -16.58 4.46 3.04
C VAL C 74 -17.22 3.64 1.94
N ARG C 75 -16.86 2.37 1.88
CA ARG C 75 -17.40 1.51 0.85
C ARG C 75 -18.15 0.33 1.41
N GLN C 76 -19.09 -0.17 0.62
CA GLN C 76 -19.89 -1.31 1.04
C GLN C 76 -19.47 -2.54 0.26
N GLY C 77 -19.18 -3.60 0.98
CA GLY C 77 -18.77 -4.84 0.38
C GLY C 77 -18.41 -5.87 1.44
N ASP C 78 -18.19 -7.10 1.00
CA ASP C 78 -17.84 -8.17 1.91
C ASP C 78 -16.32 -8.28 2.10
N GLY C 79 -15.86 -7.92 3.28
CA GLY C 79 -14.45 -8.00 3.60
C GLY C 79 -13.54 -7.16 2.75
N LEU C 80 -12.58 -7.82 2.10
CA LEU C 80 -11.63 -7.12 1.26
C LEU C 80 -12.20 -6.79 -0.13
N GLU C 81 -13.50 -6.97 -0.30
CA GLU C 81 -14.13 -6.64 -1.56
C GLU C 81 -14.01 -5.14 -1.76
N VAL C 82 -14.05 -4.40 -0.66
CA VAL C 82 -14.00 -2.95 -0.71
C VAL C 82 -12.65 -2.34 -1.08
N ILE C 83 -11.61 -3.15 -1.24
CA ILE C 83 -10.31 -2.61 -1.60
C ILE C 83 -9.81 -3.13 -2.95
N LYS C 84 -9.02 -2.31 -3.63
CA LYS C 84 -8.43 -2.67 -4.91
C LYS C 84 -7.08 -3.27 -4.59
N LYS C 85 -6.61 -4.17 -5.43
CA LYS C 85 -5.32 -4.77 -5.20
C LYS C 85 -4.25 -3.68 -5.11
N GLY C 86 -3.49 -3.69 -4.01
CA GLY C 86 -2.43 -2.74 -3.79
C GLY C 86 -2.83 -1.33 -3.47
N GLU C 87 -4.08 -1.13 -3.09
CA GLU C 87 -4.55 0.21 -2.74
C GLU C 87 -4.18 0.56 -1.32
N ALA C 88 -4.30 -0.41 -0.43
CA ALA C 88 -4.01 -0.22 0.99
C ALA C 88 -2.63 -0.69 1.40
N ASP C 89 -2.01 0.07 2.29
CA ASP C 89 -0.71 -0.24 2.81
C ASP C 89 -0.87 -0.97 4.13
N ALA C 90 -1.99 -0.70 4.80
CA ALA C 90 -2.29 -1.31 6.07
C ALA C 90 -3.76 -1.70 6.13
N ILE C 91 -4.02 -2.87 6.67
CA ILE C 91 -5.38 -3.37 6.78
C ILE C 91 -5.69 -3.74 8.21
N THR C 92 -6.76 -3.14 8.72
CA THR C 92 -7.20 -3.37 10.08
C THR C 92 -8.51 -4.12 10.12
N ILE C 93 -8.51 -5.25 10.81
CA ILE C 93 -9.70 -6.05 10.98
C ILE C 93 -9.79 -6.33 12.46
N ALA C 94 -10.73 -5.67 13.12
CA ALA C 94 -10.92 -5.81 14.54
C ALA C 94 -12.36 -6.03 14.92
N GLY C 95 -12.59 -6.35 16.19
CA GLY C 95 -13.91 -6.58 16.71
C GLY C 95 -14.65 -7.76 16.13
N MET C 96 -13.93 -8.78 15.70
CA MET C 96 -14.57 -9.95 15.14
C MET C 96 -13.96 -11.22 15.69
N GLY C 97 -14.63 -12.33 15.42
CA GLY C 97 -14.13 -13.63 15.84
C GLY C 97 -12.92 -13.94 14.98
N GLY C 98 -12.02 -14.73 15.52
CA GLY C 98 -10.82 -15.11 14.80
C GLY C 98 -11.09 -15.86 13.51
N ALA C 99 -12.13 -16.68 13.53
CA ALA C 99 -12.50 -17.47 12.37
C ALA C 99 -13.01 -16.57 11.27
N LEU C 100 -13.77 -15.55 11.66
CA LEU C 100 -14.31 -14.61 10.71
C LEU C 100 -13.19 -13.82 10.05
N ILE C 101 -12.26 -13.35 10.86
CA ILE C 101 -11.13 -12.58 10.34
C ILE C 101 -10.37 -13.47 9.37
N ALA C 102 -10.13 -14.71 9.75
CA ALA C 102 -9.43 -15.65 8.89
C ALA C 102 -10.22 -15.83 7.59
N HIS C 103 -11.54 -15.92 7.69
CA HIS C 103 -12.40 -16.07 6.52
C HIS C 103 -12.22 -14.89 5.59
N ILE C 104 -12.25 -13.69 6.16
CA ILE C 104 -12.10 -12.47 5.39
C ILE C 104 -10.76 -12.43 4.66
N LEU C 105 -9.68 -12.78 5.34
CA LEU C 105 -8.36 -12.80 4.74
C LEU C 105 -8.29 -13.79 3.58
N GLU C 106 -8.82 -14.99 3.80
CA GLU C 106 -8.80 -16.02 2.79
C GLU C 106 -9.61 -15.64 1.56
N ALA C 107 -10.77 -15.05 1.78
CA ALA C 107 -11.65 -14.64 0.68
C ALA C 107 -11.08 -13.51 -0.17
N GLY C 108 -10.37 -12.59 0.43
CA GLY C 108 -9.81 -11.48 -0.33
C GLY C 108 -8.31 -11.49 -0.47
N LYS C 109 -7.68 -12.64 -0.28
CA LYS C 109 -6.24 -12.72 -0.36
C LYS C 109 -5.69 -12.31 -1.72
N ASP C 110 -6.54 -12.31 -2.74
CA ASP C 110 -6.11 -11.92 -4.07
C ASP C 110 -5.86 -10.43 -4.11
N LYS C 111 -6.41 -9.72 -3.13
CA LYS C 111 -6.23 -8.28 -3.04
C LYS C 111 -4.91 -7.94 -2.36
N LEU C 112 -4.26 -8.93 -1.80
CA LEU C 112 -3.02 -8.69 -1.09
C LEU C 112 -1.79 -8.76 -1.98
N THR C 113 -0.96 -7.73 -1.89
CA THR C 113 0.27 -7.64 -2.67
C THR C 113 1.42 -8.24 -1.90
N GLY C 114 1.23 -8.49 -0.62
CA GLY C 114 2.27 -9.04 0.22
C GLY C 114 3.10 -7.94 0.85
N LYS C 115 2.76 -6.70 0.57
CA LYS C 115 3.48 -5.59 1.16
C LYS C 115 2.62 -4.92 2.24
N GLU C 116 1.36 -5.30 2.30
CA GLU C 116 0.46 -4.74 3.30
C GLU C 116 0.82 -5.19 4.69
N ARG C 117 0.46 -4.39 5.68
CA ARG C 117 0.67 -4.75 7.06
C ARG C 117 -0.70 -5.13 7.55
N LEU C 118 -0.82 -6.30 8.13
CA LEU C 118 -2.09 -6.75 8.64
C LEU C 118 -2.16 -6.53 10.15
N ILE C 119 -3.15 -5.76 10.58
CA ILE C 119 -3.36 -5.48 11.98
C ILE C 119 -4.70 -6.11 12.34
N LEU C 120 -4.63 -7.26 13.00
CA LEU C 120 -5.81 -8.03 13.35
C LEU C 120 -6.11 -8.06 14.84
N GLN C 121 -7.37 -7.83 15.17
CA GLN C 121 -7.81 -7.81 16.56
C GLN C 121 -8.99 -8.75 16.79
N PRO C 122 -8.71 -10.03 16.88
CA PRO C 122 -9.79 -11.00 17.10
C PRO C 122 -10.39 -10.95 18.51
N ASN C 123 -11.68 -11.19 18.61
CA ASN C 123 -12.36 -11.21 19.91
C ASN C 123 -12.04 -12.51 20.61
N ILE C 124 -11.90 -13.52 19.78
CA ILE C 124 -11.62 -14.83 20.23
C ILE C 124 -11.04 -15.52 19.06
N HIS C 125 -10.71 -16.71 19.37
CA HIS C 125 -10.09 -17.51 18.52
C HIS C 125 -8.96 -16.98 17.57
N ALA C 126 -7.90 -16.47 18.17
CA ALA C 126 -6.80 -15.94 17.38
C ALA C 126 -6.05 -16.92 16.57
N VAL C 127 -6.10 -18.15 17.04
CA VAL C 127 -5.43 -19.25 16.40
C VAL C 127 -5.79 -19.37 14.93
N HIS C 128 -7.06 -19.14 14.62
CA HIS C 128 -7.52 -19.21 13.24
C HIS C 128 -6.72 -18.22 12.39
N ILE C 129 -6.44 -17.04 12.94
CA ILE C 129 -5.67 -16.04 12.22
C ILE C 129 -4.24 -16.52 12.06
N ARG C 130 -3.65 -17.03 13.12
CA ARG C 130 -2.27 -17.51 13.09
C ARG C 130 -2.09 -18.67 12.11
N GLU C 131 -3.05 -19.58 12.09
CA GLU C 131 -2.99 -20.70 11.16
C GLU C 131 -2.98 -20.15 9.74
N TRP C 132 -3.87 -19.20 9.48
CA TRP C 132 -3.96 -18.61 8.16
C TRP C 132 -2.69 -17.88 7.76
N LEU C 133 -2.17 -17.04 8.65
CA LEU C 133 -0.96 -16.29 8.38
C LEU C 133 0.18 -17.23 8.00
N TYR C 134 0.32 -18.31 8.75
CA TYR C 134 1.37 -19.26 8.49
C TYR C 134 1.20 -19.86 7.10
N LYS C 135 0.01 -20.38 6.85
CA LYS C 135 -0.32 -20.98 5.56
C LYS C 135 0.00 -20.05 4.41
N GLU C 136 -0.28 -18.76 4.57
CA GLU C 136 -0.04 -17.79 3.51
C GLU C 136 1.35 -17.17 3.57
N ARG C 137 2.19 -17.75 4.41
CA ARG C 137 3.57 -17.33 4.57
C ARG C 137 3.76 -15.89 5.01
N TYR C 138 2.98 -15.48 6.00
CA TYR C 138 3.08 -14.16 6.57
C TYR C 138 3.91 -14.32 7.83
N ALA C 139 4.47 -13.23 8.32
CA ALA C 139 5.24 -13.28 9.53
C ALA C 139 4.61 -12.40 10.59
N LEU C 140 4.36 -12.96 11.76
CA LEU C 140 3.80 -12.20 12.85
C LEU C 140 4.98 -11.38 13.31
N ILE C 141 4.88 -10.07 13.22
CA ILE C 141 5.99 -9.21 13.64
C ILE C 141 5.76 -8.61 15.02
N ASP C 142 4.57 -8.86 15.59
CA ASP C 142 4.26 -8.38 16.93
C ASP C 142 2.89 -8.85 17.38
N GLU C 143 2.71 -8.91 18.68
CA GLU C 143 1.45 -9.30 19.30
C GLU C 143 1.34 -8.61 20.64
N VAL C 144 0.12 -8.30 21.03
CA VAL C 144 -0.11 -7.69 22.32
C VAL C 144 -1.41 -8.20 22.88
N ILE C 145 -1.44 -8.40 24.19
CA ILE C 145 -2.64 -8.83 24.86
C ILE C 145 -2.84 -7.91 26.03
N LEU C 146 -3.93 -7.17 25.97
CA LEU C 146 -4.28 -6.21 26.99
C LEU C 146 -5.70 -6.50 27.39
N GLU C 147 -6.22 -5.67 28.27
CA GLU C 147 -7.60 -5.82 28.68
C GLU C 147 -8.25 -4.46 28.75
N GLU C 148 -9.55 -4.45 28.53
CA GLU C 148 -10.34 -3.24 28.60
C GLU C 148 -11.69 -3.61 29.17
N ASP C 149 -12.05 -2.97 30.28
CA ASP C 149 -13.31 -3.25 30.94
C ASP C 149 -13.37 -4.71 31.36
N GLY C 150 -12.29 -5.18 31.97
CA GLY C 150 -12.21 -6.55 32.43
C GLY C 150 -12.36 -7.59 31.33
N LYS C 151 -12.06 -7.19 30.11
CA LYS C 151 -12.15 -8.08 28.97
C LYS C 151 -10.82 -8.10 28.24
N SER C 152 -10.27 -9.28 28.00
CA SER C 152 -9.01 -9.39 27.32
C SER C 152 -9.16 -9.25 25.81
N TYR C 153 -8.17 -8.64 25.20
CA TYR C 153 -8.20 -8.46 23.77
C TYR C 153 -6.79 -8.60 23.23
N GLU C 154 -6.68 -9.28 22.10
CA GLU C 154 -5.40 -9.51 21.47
C GLU C 154 -5.30 -8.75 20.16
N VAL C 155 -4.09 -8.35 19.84
CA VAL C 155 -3.82 -7.64 18.60
C VAL C 155 -2.63 -8.32 17.94
N LEU C 156 -2.85 -8.83 16.73
CA LEU C 156 -1.81 -9.50 15.98
C LEU C 156 -1.39 -8.60 14.83
N VAL C 157 -0.09 -8.48 14.62
CA VAL C 157 0.43 -7.66 13.54
C VAL C 157 1.30 -8.51 12.67
N ALA C 158 1.01 -8.52 11.37
CA ALA C 158 1.76 -9.33 10.44
C ALA C 158 2.07 -8.64 9.13
N GLU C 159 3.15 -9.12 8.51
CA GLU C 159 3.64 -8.65 7.24
C GLU C 159 4.27 -9.85 6.52
N ALA C 160 4.33 -9.80 5.20
CA ALA C 160 4.93 -10.91 4.46
C ALA C 160 6.34 -11.16 4.95
N GLY C 161 6.71 -12.43 5.11
CA GLY C 161 8.04 -12.76 5.56
C GLY C 161 8.24 -14.21 5.97
N ASP C 162 9.17 -14.42 6.89
CA ASP C 162 9.47 -15.76 7.37
C ASP C 162 8.50 -16.18 8.45
N ARG C 163 7.56 -17.03 8.05
CA ARG C 163 6.52 -17.53 8.94
C ARG C 163 7.02 -18.25 10.19
N ASP C 164 8.24 -18.75 10.15
CA ASP C 164 8.78 -19.47 11.30
C ASP C 164 9.54 -18.61 12.30
N ALA C 165 10.04 -17.47 11.83
CA ALA C 165 10.83 -16.55 12.66
C ALA C 165 10.25 -16.30 14.05
N ALA C 166 9.01 -15.86 14.09
CA ALA C 166 8.35 -15.56 15.36
C ALA C 166 8.18 -16.77 16.25
N TYR C 167 8.11 -17.95 15.65
CA TYR C 167 7.89 -19.18 16.40
C TYR C 167 9.14 -19.86 16.93
N ASP C 168 10.29 -19.24 16.71
CA ASP C 168 11.53 -19.80 17.18
C ASP C 168 11.47 -19.91 18.70
N GLY C 169 11.66 -21.11 19.23
CA GLY C 169 11.64 -21.31 20.66
C GLY C 169 10.34 -21.85 21.22
N ILE C 170 9.36 -22.06 20.37
CA ILE C 170 8.08 -22.57 20.82
C ILE C 170 7.48 -23.40 19.71
N SER C 171 6.65 -24.37 20.07
CA SER C 171 6.02 -25.22 19.08
C SER C 171 4.97 -24.45 18.31
N LEU C 172 4.79 -24.80 17.04
CA LEU C 172 3.80 -24.15 16.22
C LEU C 172 2.43 -24.34 16.85
N SER C 173 2.14 -25.55 17.28
CA SER C 173 0.86 -25.85 17.88
C SER C 173 0.56 -24.93 19.05
N ALA C 174 1.53 -24.75 19.93
CA ALA C 174 1.34 -23.89 21.09
C ALA C 174 1.31 -22.41 20.69
N GLY C 175 2.29 -21.99 19.92
CA GLY C 175 2.37 -20.61 19.48
C GLY C 175 1.16 -20.14 18.70
N MET C 176 0.63 -21.02 17.85
CA MET C 176 -0.52 -20.68 17.05
C MET C 176 -1.78 -20.46 17.88
N LEU C 177 -1.88 -21.21 18.97
CA LEU C 177 -3.03 -21.08 19.85
C LEU C 177 -2.95 -19.87 20.75
N VAL C 178 -1.84 -19.70 21.43
CA VAL C 178 -1.67 -18.60 22.37
C VAL C 178 -0.87 -17.41 21.88
N GLY C 179 -0.11 -17.59 20.81
CA GLY C 179 0.69 -16.49 20.29
C GLY C 179 2.14 -16.61 20.69
N PRO C 180 3.03 -16.71 19.72
CA PRO C 180 4.45 -16.85 20.02
C PRO C 180 5.02 -15.66 20.79
N PHE C 181 4.63 -14.44 20.41
CA PHE C 181 5.11 -13.26 21.08
C PHE C 181 4.52 -13.20 22.49
N LEU C 182 3.22 -13.39 22.56
CA LEU C 182 2.50 -13.35 23.82
C LEU C 182 2.99 -14.39 24.81
N ALA C 183 3.34 -15.57 24.31
CA ALA C 183 3.83 -16.64 25.16
C ALA C 183 5.21 -16.33 25.71
N LYS C 184 6.01 -15.62 24.94
CA LYS C 184 7.36 -15.25 25.36
C LYS C 184 7.31 -14.13 26.39
N GLU C 185 6.43 -13.16 26.16
CA GLU C 185 6.29 -12.02 27.07
C GLU C 185 5.60 -12.49 28.34
N LYS C 186 4.60 -13.32 28.17
CA LYS C 186 3.84 -13.87 29.28
C LYS C 186 3.41 -12.82 30.32
N ASN C 187 2.58 -11.87 29.91
CA ASN C 187 2.11 -10.86 30.85
C ASN C 187 0.92 -11.38 31.65
N ALA C 188 0.48 -10.62 32.63
CA ALA C 188 -0.61 -11.02 33.52
C ALA C 188 -1.93 -11.38 32.85
N VAL C 189 -2.32 -10.59 31.85
CA VAL C 189 -3.55 -10.85 31.13
C VAL C 189 -3.43 -12.18 30.42
N PHE C 190 -2.26 -12.41 29.84
CA PHE C 190 -1.97 -13.65 29.14
C PHE C 190 -2.09 -14.85 30.07
N LEU C 191 -1.45 -14.77 31.22
CA LEU C 191 -1.48 -15.85 32.19
C LEU C 191 -2.89 -16.17 32.66
N LYS C 192 -3.67 -15.14 32.97
CA LYS C 192 -5.03 -15.36 33.44
C LYS C 192 -5.86 -16.02 32.37
N LYS C 193 -5.79 -15.49 31.17
CA LYS C 193 -6.57 -16.03 30.06
C LYS C 193 -6.34 -17.52 29.89
N TRP C 194 -5.10 -17.90 29.64
CA TRP C 194 -4.77 -19.29 29.41
C TRP C 194 -4.89 -20.19 30.62
N THR C 195 -4.72 -19.65 31.82
CA THR C 195 -4.88 -20.44 33.02
C THR C 195 -6.37 -20.69 33.18
N GLN C 196 -7.17 -19.71 32.79
CA GLN C 196 -8.60 -19.81 32.86
C GLN C 196 -9.06 -20.83 31.84
N GLU C 197 -8.43 -20.82 30.68
CA GLU C 197 -8.76 -21.75 29.61
C GLU C 197 -8.40 -23.17 30.00
N LEU C 198 -7.25 -23.34 30.65
CA LEU C 198 -6.81 -24.64 31.08
C LEU C 198 -7.81 -25.21 32.08
N GLN C 199 -8.25 -24.36 32.99
CA GLN C 199 -9.22 -24.74 34.01
C GLN C 199 -10.49 -25.29 33.39
N HIS C 200 -10.99 -24.59 32.38
CA HIS C 200 -12.21 -25.00 31.71
C HIS C 200 -12.02 -26.32 30.96
N THR C 201 -10.86 -26.49 30.34
CA THR C 201 -10.59 -27.71 29.60
C THR C 201 -10.54 -28.90 30.56
N GLN C 202 -9.94 -28.68 31.72
CA GLN C 202 -9.84 -29.71 32.72
C GLN C 202 -11.23 -30.16 33.15
N SER C 203 -12.09 -29.19 33.42
CA SER C 203 -13.47 -29.46 33.85
C SER C 203 -14.19 -30.32 32.83
N ILE C 204 -14.06 -29.97 31.56
CA ILE C 204 -14.70 -30.73 30.52
C ILE C 204 -14.09 -32.11 30.44
N TYR C 205 -12.78 -32.20 30.60
CA TYR C 205 -12.10 -33.48 30.56
C TYR C 205 -12.65 -34.35 31.67
N GLU C 206 -12.83 -33.75 32.84
CA GLU C 206 -13.34 -34.46 33.99
C GLU C 206 -14.79 -34.87 33.85
N GLN C 207 -15.61 -34.05 33.21
CA GLN C 207 -17.02 -34.39 33.07
C GLN C 207 -17.20 -35.51 32.07
N ILE C 208 -16.39 -35.52 31.02
CA ILE C 208 -16.47 -36.57 30.02
C ILE C 208 -15.88 -37.84 30.62
N SER C 209 -14.95 -37.68 31.54
CA SER C 209 -14.34 -38.81 32.19
C SER C 209 -15.40 -39.53 32.99
N GLN C 210 -16.33 -38.76 33.56
CA GLN C 210 -17.42 -39.33 34.35
C GLN C 210 -18.48 -39.91 33.44
N ALA C 211 -18.40 -39.60 32.16
CA ALA C 211 -19.37 -40.12 31.21
C ALA C 211 -19.02 -41.54 30.82
N ALA C 212 -19.78 -42.10 29.90
CA ALA C 212 -19.56 -43.47 29.45
C ALA C 212 -18.24 -43.62 28.72
N ASP C 213 -17.67 -44.81 28.83
CA ASP C 213 -16.42 -45.12 28.17
C ASP C 213 -16.73 -45.58 26.77
N THR C 214 -16.80 -44.63 25.85
CA THR C 214 -17.08 -44.94 24.46
C THR C 214 -15.94 -44.44 23.61
N GLU C 215 -15.85 -44.96 22.40
CA GLU C 215 -14.80 -44.58 21.47
C GLU C 215 -14.88 -43.08 21.21
N GLN C 216 -16.11 -42.59 21.10
CA GLN C 216 -16.37 -41.17 20.85
C GLN C 216 -15.84 -40.32 21.99
N ASN C 217 -16.21 -40.69 23.21
CA ASN C 217 -15.80 -39.95 24.39
C ASN C 217 -14.29 -39.96 24.59
N LYS C 218 -13.65 -41.06 24.25
CA LYS C 218 -12.20 -41.17 24.42
C LYS C 218 -11.48 -40.27 23.45
N GLN C 219 -12.04 -40.09 22.26
CA GLN C 219 -11.45 -39.22 21.27
C GLN C 219 -11.49 -37.78 21.76
N LYS C 220 -12.57 -37.42 22.43
CA LYS C 220 -12.74 -36.08 22.96
C LYS C 220 -11.79 -35.88 24.14
N LEU C 221 -11.56 -36.94 24.89
CA LEU C 221 -10.65 -36.87 26.02
C LEU C 221 -9.23 -36.72 25.53
N LYS C 222 -8.94 -37.37 24.41
CA LYS C 222 -7.62 -37.31 23.83
C LYS C 222 -7.31 -35.90 23.39
N GLU C 223 -8.28 -35.27 22.76
CA GLU C 223 -8.13 -33.91 22.26
C GLU C 223 -8.07 -32.92 23.41
N LEU C 224 -8.76 -33.24 24.50
CA LEU C 224 -8.76 -32.37 25.66
C LEU C 224 -7.42 -32.50 26.38
N ALA C 225 -6.94 -33.74 26.48
CA ALA C 225 -5.66 -34.00 27.12
C ALA C 225 -4.57 -33.27 26.34
N ASP C 226 -4.64 -33.35 25.02
CA ASP C 226 -3.66 -32.69 24.16
C ASP C 226 -3.67 -31.19 24.43
N ARG C 227 -4.85 -30.61 24.57
CA ARG C 227 -4.99 -29.19 24.83
C ARG C 227 -4.45 -28.80 26.20
N MET C 228 -4.77 -29.59 27.22
CA MET C 228 -4.32 -29.32 28.56
C MET C 228 -2.79 -29.34 28.65
N GLU C 229 -2.17 -30.31 28.00
CA GLU C 229 -0.73 -30.42 28.03
C GLU C 229 -0.11 -29.20 27.36
N LEU C 230 -0.71 -28.80 26.26
CA LEU C 230 -0.23 -27.65 25.51
C LEU C 230 -0.27 -26.39 26.38
N LEU C 231 -1.41 -26.14 27.00
CA LEU C 231 -1.58 -24.98 27.86
C LEU C 231 -0.68 -25.08 29.08
N LYS C 232 -0.62 -26.26 29.68
CA LYS C 232 0.21 -26.46 30.85
C LYS C 232 1.65 -26.08 30.53
N GLU C 233 2.05 -26.30 29.29
CA GLU C 233 3.40 -25.98 28.85
C GLU C 233 3.66 -24.49 28.69
N VAL C 234 2.64 -23.71 28.36
CA VAL C 234 2.85 -22.28 28.16
C VAL C 234 2.63 -21.41 29.38
N ILE C 235 1.97 -21.94 30.40
CA ILE C 235 1.71 -21.13 31.59
C ILE C 235 2.61 -21.45 32.77
N ASP C 236 3.35 -22.54 32.68
CA ASP C 236 4.25 -23.01 33.75
C ASP C 236 4.84 -21.93 34.67
N GLU D 3 -21.67 -46.18 19.55
CA GLU D 3 -22.94 -45.48 19.53
C GLU D 3 -22.72 -43.99 19.45
N LEU D 4 -22.92 -43.42 18.27
CA LEU D 4 -22.73 -41.99 18.06
C LEU D 4 -23.73 -41.18 18.86
N LYS D 5 -23.22 -40.32 19.74
CA LYS D 5 -24.07 -39.48 20.55
C LYS D 5 -23.85 -38.03 20.15
N LEU D 6 -24.90 -37.24 20.22
CA LEU D 6 -24.80 -35.83 19.90
C LEU D 6 -25.16 -35.03 21.13
N SER D 7 -24.65 -33.82 21.19
CA SER D 7 -24.97 -32.94 22.29
C SER D 7 -26.41 -32.52 22.08
N LYS D 8 -27.03 -31.96 23.11
CA LYS D 8 -28.40 -31.52 22.99
C LYS D 8 -28.49 -30.48 21.88
N ARG D 9 -27.48 -29.63 21.81
CA ARG D 9 -27.41 -28.57 20.82
C ARG D 9 -27.53 -29.09 19.38
N LEU D 10 -26.67 -30.04 19.01
CA LEU D 10 -26.70 -30.57 17.68
C LEU D 10 -27.91 -31.47 17.41
N GLN D 11 -28.45 -32.10 18.44
CA GLN D 11 -29.63 -32.93 18.25
C GLN D 11 -30.75 -32.02 17.77
N THR D 12 -30.87 -30.87 18.41
CA THR D 12 -31.89 -29.88 18.06
C THR D 12 -31.76 -29.56 16.59
N VAL D 13 -30.54 -29.29 16.16
CA VAL D 13 -30.25 -28.99 14.78
C VAL D 13 -30.70 -30.17 13.92
N ALA D 14 -30.22 -31.35 14.26
CA ALA D 14 -30.53 -32.56 13.52
C ALA D 14 -32.03 -32.74 13.31
N GLU D 15 -32.82 -32.43 14.33
CA GLU D 15 -34.26 -32.59 14.24
C GLU D 15 -34.89 -31.80 13.11
N TYR D 16 -34.25 -30.71 12.70
CA TYR D 16 -34.80 -29.89 11.63
C TYR D 16 -34.45 -30.37 10.24
N ILE D 17 -33.64 -31.41 10.16
CA ILE D 17 -33.25 -31.96 8.88
C ILE D 17 -34.45 -32.63 8.24
N PRO D 18 -34.79 -32.25 7.01
CA PRO D 18 -35.93 -32.88 6.35
C PRO D 18 -35.61 -34.34 6.10
N ASN D 19 -36.56 -35.22 6.35
CA ASN D 19 -36.34 -36.65 6.17
C ASN D 19 -35.87 -36.97 4.75
N GLY D 20 -34.80 -37.74 4.66
CA GLY D 20 -34.26 -38.17 3.39
C GLY D 20 -33.48 -37.12 2.63
N ALA D 21 -33.25 -35.99 3.26
CA ALA D 21 -32.53 -34.93 2.59
C ALA D 21 -31.04 -35.19 2.56
N VAL D 22 -30.37 -34.61 1.58
CA VAL D 22 -28.94 -34.70 1.49
C VAL D 22 -28.54 -33.46 2.26
N MET D 23 -27.83 -33.63 3.36
CA MET D 23 -27.43 -32.49 4.17
C MET D 23 -25.97 -32.10 3.99
N ALA D 24 -25.72 -30.83 4.23
CA ALA D 24 -24.39 -30.27 4.14
C ALA D 24 -24.11 -29.61 5.47
N ASP D 25 -23.10 -30.12 6.17
CA ASP D 25 -22.72 -29.55 7.46
C ASP D 25 -21.45 -28.75 7.28
N ILE D 26 -21.59 -27.44 7.30
CA ILE D 26 -20.47 -26.54 7.14
C ILE D 26 -19.74 -26.39 8.46
N GLY D 27 -18.43 -26.58 8.42
CA GLY D 27 -17.60 -26.49 9.62
C GLY D 27 -18.05 -27.58 10.56
N SER D 28 -18.07 -28.79 10.05
CA SER D 28 -18.51 -29.93 10.81
C SER D 28 -17.57 -30.31 11.96
N ASP D 29 -18.17 -30.57 13.10
CA ASP D 29 -17.43 -30.97 14.28
C ASP D 29 -17.22 -32.48 14.24
N HIS D 30 -16.12 -32.90 13.63
CA HIS D 30 -15.78 -34.31 13.49
C HIS D 30 -16.78 -35.08 12.64
N ALA D 31 -17.68 -34.36 11.99
CA ALA D 31 -18.70 -34.97 11.16
C ALA D 31 -19.65 -35.83 11.98
N TYR D 32 -19.71 -35.60 13.28
CA TYR D 32 -20.59 -36.37 14.12
C TYR D 32 -22.04 -36.12 13.71
N LEU D 33 -22.40 -34.85 13.56
CA LEU D 33 -23.75 -34.48 13.19
C LEU D 33 -24.17 -35.20 11.91
N PRO D 34 -23.39 -35.05 10.85
CA PRO D 34 -23.75 -35.71 9.59
C PRO D 34 -23.77 -37.22 9.74
N SER D 35 -22.85 -37.77 10.53
CA SER D 35 -22.81 -39.20 10.73
C SER D 35 -24.07 -39.65 11.46
N TYR D 36 -24.43 -38.89 12.47
CA TYR D 36 -25.60 -39.18 13.27
C TYR D 36 -26.84 -39.17 12.37
N ALA D 37 -26.98 -38.12 11.57
CA ALA D 37 -28.12 -37.99 10.69
C ALA D 37 -28.30 -39.20 9.79
N VAL D 38 -27.22 -39.63 9.15
CA VAL D 38 -27.26 -40.78 8.25
C VAL D 38 -27.56 -42.06 8.99
N LEU D 39 -26.84 -42.29 10.09
CA LEU D 39 -27.02 -43.49 10.90
C LEU D 39 -28.42 -43.63 11.46
N ASN D 40 -29.07 -42.51 11.73
CA ASN D 40 -30.40 -42.55 12.30
C ASN D 40 -31.48 -42.28 11.27
N HIS D 41 -31.13 -42.42 10.00
CA HIS D 41 -32.07 -42.23 8.91
C HIS D 41 -32.75 -40.87 8.91
N LYS D 42 -32.04 -39.84 9.33
CA LYS D 42 -32.58 -38.49 9.32
C LYS D 42 -32.16 -37.82 8.02
N ALA D 43 -31.07 -38.30 7.46
CA ALA D 43 -30.55 -37.80 6.20
C ALA D 43 -30.21 -39.00 5.35
N SER D 44 -30.36 -38.87 4.05
CA SER D 44 -30.06 -39.97 3.15
C SER D 44 -28.58 -39.97 2.79
N GLY D 45 -28.00 -38.78 2.83
CA GLY D 45 -26.59 -38.60 2.53
C GLY D 45 -26.12 -37.28 3.09
N ALA D 46 -24.82 -37.10 3.21
CA ALA D 46 -24.31 -35.86 3.76
C ALA D 46 -22.96 -35.44 3.21
N ILE D 47 -22.66 -34.18 3.48
CA ILE D 47 -21.42 -33.56 3.12
C ILE D 47 -20.93 -32.85 4.37
N ALA D 48 -19.67 -33.04 4.71
CA ALA D 48 -19.12 -32.40 5.89
C ALA D 48 -17.96 -31.51 5.45
N GLY D 49 -18.17 -30.21 5.57
CA GLY D 49 -17.16 -29.25 5.19
C GLY D 49 -16.26 -28.84 6.34
N GLU D 50 -14.97 -28.76 6.04
CA GLU D 50 -13.97 -28.35 7.01
C GLU D 50 -13.05 -27.38 6.29
N ILE D 51 -12.58 -26.36 7.00
CA ILE D 51 -11.71 -25.38 6.37
C ILE D 51 -10.24 -25.72 6.53
N THR D 52 -9.85 -26.16 7.72
CA THR D 52 -8.45 -26.48 7.97
C THR D 52 -8.14 -27.97 7.89
N ASP D 53 -6.87 -28.29 7.68
CA ASP D 53 -6.40 -29.67 7.54
C ASP D 53 -6.72 -30.59 8.71
N GLY D 54 -6.50 -30.12 9.93
CA GLY D 54 -6.75 -30.94 11.11
C GLY D 54 -8.19 -31.38 11.22
N PRO D 55 -9.11 -30.43 11.31
CA PRO D 55 -10.53 -30.77 11.42
C PRO D 55 -10.99 -31.59 10.22
N PHE D 56 -10.32 -31.41 9.09
CA PHE D 56 -10.66 -32.13 7.88
C PHE D 56 -10.35 -33.61 8.04
N LEU D 57 -9.11 -33.89 8.37
CA LEU D 57 -8.66 -35.26 8.56
C LEU D 57 -9.46 -35.97 9.63
N SER D 58 -9.71 -35.28 10.74
CA SER D 58 -10.46 -35.89 11.84
C SER D 58 -11.85 -36.30 11.39
N ALA D 59 -12.47 -35.49 10.55
CA ALA D 59 -13.79 -35.80 10.04
C ALA D 59 -13.68 -36.92 9.00
N LYS D 60 -12.70 -36.81 8.13
CA LYS D 60 -12.48 -37.80 7.08
C LYS D 60 -12.18 -39.16 7.68
N ARG D 61 -11.54 -39.17 8.83
CA ARG D 61 -11.20 -40.41 9.50
C ARG D 61 -12.40 -40.94 10.24
N GLN D 62 -13.21 -40.05 10.79
CA GLN D 62 -14.40 -40.47 11.51
C GLN D 62 -15.34 -41.16 10.54
N VAL D 63 -15.65 -40.49 9.44
CA VAL D 63 -16.55 -41.04 8.43
C VAL D 63 -16.08 -42.38 7.89
N GLU D 64 -14.81 -42.50 7.56
CA GLU D 64 -14.29 -43.76 7.04
C GLU D 64 -14.34 -44.83 8.12
N LYS D 65 -13.98 -44.45 9.33
CA LYS D 65 -13.97 -45.37 10.45
C LYS D 65 -15.37 -45.92 10.71
N SER D 66 -16.35 -45.03 10.61
CA SER D 66 -17.73 -45.38 10.83
C SER D 66 -18.32 -46.13 9.66
N GLY D 67 -17.54 -46.28 8.60
CA GLY D 67 -18.00 -46.96 7.40
C GLY D 67 -19.16 -46.22 6.76
N LEU D 68 -18.97 -44.93 6.51
CA LEU D 68 -20.02 -44.11 5.93
C LEU D 68 -19.58 -43.38 4.68
N ASN D 69 -18.36 -43.65 4.23
CA ASN D 69 -17.82 -43.01 3.05
C ASN D 69 -18.75 -42.99 1.85
N SER D 70 -19.56 -44.04 1.74
CA SER D 70 -20.48 -44.14 0.62
C SER D 70 -21.64 -43.18 0.79
N HIS D 71 -21.81 -42.65 1.98
CA HIS D 71 -22.91 -41.74 2.26
C HIS D 71 -22.51 -40.36 2.72
N ILE D 72 -21.25 -40.19 3.09
CA ILE D 72 -20.78 -38.90 3.56
C ILE D 72 -19.49 -38.50 2.89
N SER D 73 -19.51 -37.34 2.25
CA SER D 73 -18.34 -36.82 1.58
C SER D 73 -17.71 -35.70 2.38
N VAL D 74 -16.55 -35.97 2.94
CA VAL D 74 -15.85 -34.96 3.72
C VAL D 74 -15.02 -34.15 2.74
N ARG D 75 -15.26 -32.86 2.71
CA ARG D 75 -14.58 -31.98 1.82
C ARG D 75 -13.96 -30.83 2.55
N GLN D 76 -12.88 -30.30 1.98
CA GLN D 76 -12.20 -29.19 2.58
C GLN D 76 -12.45 -27.96 1.74
N GLY D 77 -12.77 -26.87 2.41
CA GLY D 77 -13.05 -25.62 1.75
C GLY D 77 -13.70 -24.65 2.70
N ASP D 78 -13.83 -23.40 2.24
CA ASP D 78 -14.44 -22.36 3.02
C ASP D 78 -15.94 -22.32 2.81
N GLY D 79 -16.69 -22.49 3.89
CA GLY D 79 -18.13 -22.45 3.85
C GLY D 79 -18.80 -23.28 2.78
N LEU D 80 -19.67 -22.64 2.01
CA LEU D 80 -20.42 -23.32 0.96
C LEU D 80 -19.55 -23.71 -0.22
N GLU D 81 -18.26 -23.48 -0.08
CA GLU D 81 -17.32 -23.82 -1.12
C GLU D 81 -17.34 -25.32 -1.33
N VAL D 82 -17.64 -26.06 -0.27
CA VAL D 82 -17.66 -27.51 -0.33
C VAL D 82 -18.90 -28.14 -0.95
N ILE D 83 -19.87 -27.33 -1.34
CA ILE D 83 -21.07 -27.88 -1.94
C ILE D 83 -21.28 -27.42 -3.37
N LYS D 84 -21.97 -28.25 -4.13
CA LYS D 84 -22.29 -27.94 -5.49
C LYS D 84 -23.74 -27.50 -5.53
N LYS D 85 -24.00 -26.43 -6.25
CA LYS D 85 -25.34 -25.88 -6.36
C LYS D 85 -26.35 -26.98 -6.64
N GLY D 86 -27.33 -27.12 -5.76
CA GLY D 86 -28.38 -28.11 -5.92
C GLY D 86 -28.04 -29.48 -5.39
N GLU D 87 -26.90 -29.58 -4.74
CA GLU D 87 -26.46 -30.85 -4.18
C GLU D 87 -27.10 -31.18 -2.85
N ALA D 88 -27.30 -30.15 -2.03
CA ALA D 88 -27.89 -30.36 -0.71
C ALA D 88 -29.30 -29.83 -0.59
N ASP D 89 -30.11 -30.56 0.18
CA ASP D 89 -31.49 -30.22 0.44
C ASP D 89 -31.59 -29.44 1.74
N ALA D 90 -30.62 -29.66 2.62
CA ALA D 90 -30.57 -28.97 3.89
C ALA D 90 -29.13 -28.65 4.22
N ILE D 91 -28.93 -27.49 4.80
CA ILE D 91 -27.60 -27.04 5.16
C ILE D 91 -27.55 -26.66 6.62
N THR D 92 -26.67 -27.30 7.37
CA THR D 92 -26.51 -27.01 8.77
C THR D 92 -25.21 -26.27 9.04
N ILE D 93 -25.29 -25.19 9.80
CA ILE D 93 -24.13 -24.40 10.15
C ILE D 93 -24.24 -24.06 11.64
N ALA D 94 -23.44 -24.73 12.45
CA ALA D 94 -23.49 -24.52 13.89
C ALA D 94 -22.13 -24.23 14.52
N GLY D 95 -22.18 -23.83 15.79
CA GLY D 95 -20.97 -23.52 16.55
C GLY D 95 -20.14 -22.40 15.98
N MET D 96 -20.80 -21.45 15.34
CA MET D 96 -20.11 -20.31 14.76
C MET D 96 -20.78 -19.03 15.18
N GLY D 97 -20.07 -17.93 15.08
CA GLY D 97 -20.61 -16.65 15.40
C GLY D 97 -21.62 -16.33 14.33
N GLY D 98 -22.62 -15.54 14.67
CA GLY D 98 -23.64 -15.16 13.73
C GLY D 98 -23.10 -14.43 12.52
N ALA D 99 -22.13 -13.56 12.73
CA ALA D 99 -21.54 -12.81 11.64
C ALA D 99 -20.88 -13.75 10.64
N LEU D 100 -20.08 -14.68 11.14
CA LEU D 100 -19.42 -15.63 10.28
C LEU D 100 -20.43 -16.44 9.49
N ILE D 101 -21.49 -16.88 10.15
CA ILE D 101 -22.51 -17.67 9.48
C ILE D 101 -23.11 -16.86 8.34
N ALA D 102 -23.45 -15.61 8.61
CA ALA D 102 -24.01 -14.73 7.60
C ALA D 102 -23.00 -14.52 6.47
N HIS D 103 -21.73 -14.36 6.83
CA HIS D 103 -20.68 -14.15 5.84
C HIS D 103 -20.54 -15.35 4.93
N ILE D 104 -20.81 -16.53 5.47
CA ILE D 104 -20.72 -17.76 4.71
C ILE D 104 -21.91 -17.89 3.76
N LEU D 105 -23.10 -17.59 4.25
CA LEU D 105 -24.29 -17.66 3.43
C LEU D 105 -24.16 -16.74 2.25
N GLU D 106 -23.76 -15.51 2.52
CA GLU D 106 -23.60 -14.50 1.49
C GLU D 106 -22.56 -14.90 0.45
N ALA D 107 -21.41 -15.35 0.93
CA ALA D 107 -20.30 -15.73 0.06
C ALA D 107 -20.61 -16.88 -0.88
N GLY D 108 -21.46 -17.81 -0.45
CA GLY D 108 -21.80 -18.94 -1.27
C GLY D 108 -23.27 -18.98 -1.66
N LYS D 109 -23.92 -17.83 -1.66
CA LYS D 109 -25.33 -17.77 -1.99
C LYS D 109 -25.62 -18.24 -3.40
N ASP D 110 -24.61 -18.20 -4.26
CA ASP D 110 -24.77 -18.64 -5.63
C ASP D 110 -24.93 -20.15 -5.66
N LYS D 111 -24.50 -20.80 -4.59
CA LYS D 111 -24.60 -22.24 -4.48
C LYS D 111 -26.00 -22.66 -4.04
N LEU D 112 -26.83 -21.67 -3.73
CA LEU D 112 -28.18 -21.94 -3.27
C LEU D 112 -29.26 -21.72 -4.32
N THR D 113 -30.22 -22.63 -4.35
CA THR D 113 -31.34 -22.57 -5.26
C THR D 113 -32.46 -21.80 -4.60
N GLY D 114 -32.61 -22.01 -3.30
CA GLY D 114 -33.64 -21.37 -2.52
C GLY D 114 -34.48 -22.43 -1.84
N LYS D 115 -34.57 -23.58 -2.50
CA LYS D 115 -35.35 -24.70 -1.99
C LYS D 115 -34.63 -25.38 -0.83
N GLU D 116 -33.40 -24.97 -0.56
CA GLU D 116 -32.63 -25.56 0.52
C GLU D 116 -33.10 -25.06 1.87
N ARG D 117 -33.19 -25.96 2.84
CA ARG D 117 -33.59 -25.55 4.17
C ARG D 117 -32.32 -25.22 4.93
N LEU D 118 -32.30 -24.07 5.57
CA LEU D 118 -31.14 -23.64 6.32
C LEU D 118 -31.37 -23.81 7.81
N ILE D 119 -30.46 -24.52 8.45
CA ILE D 119 -30.53 -24.78 9.86
C ILE D 119 -29.26 -24.19 10.46
N LEU D 120 -29.40 -23.02 11.05
CA LEU D 120 -28.30 -22.26 11.59
C LEU D 120 -28.28 -22.18 13.10
N GLN D 121 -27.13 -22.50 13.67
CA GLN D 121 -26.94 -22.47 15.11
C GLN D 121 -25.81 -21.53 15.49
N PRO D 122 -26.16 -20.26 15.71
CA PRO D 122 -25.16 -19.26 16.05
C PRO D 122 -24.77 -19.24 17.52
N ASN D 123 -23.49 -18.98 17.77
CA ASN D 123 -22.97 -18.88 19.12
C ASN D 123 -23.41 -17.57 19.72
N ILE D 124 -23.42 -16.54 18.88
CA ILE D 124 -23.78 -15.20 19.26
C ILE D 124 -24.23 -14.40 18.05
N HIS D 125 -24.85 -13.26 18.30
CA HIS D 125 -25.29 -12.36 17.25
C HIS D 125 -26.10 -13.03 16.14
N ALA D 126 -27.13 -13.76 16.52
CA ALA D 126 -28.00 -14.41 15.54
C ALA D 126 -28.59 -13.37 14.60
N VAL D 127 -28.61 -12.12 15.05
CA VAL D 127 -29.15 -11.01 14.29
C VAL D 127 -28.57 -10.89 12.89
N HIS D 128 -27.27 -11.11 12.76
CA HIS D 128 -26.61 -11.02 11.47
C HIS D 128 -27.23 -12.00 10.48
N ILE D 129 -27.69 -13.14 11.01
CA ILE D 129 -28.28 -14.18 10.19
C ILE D 129 -29.67 -13.76 9.73
N ARG D 130 -30.47 -13.27 10.67
CA ARG D 130 -31.82 -12.82 10.37
C ARG D 130 -31.83 -11.69 9.36
N GLU D 131 -30.83 -10.81 9.46
CA GLU D 131 -30.72 -9.70 8.54
C GLU D 131 -30.44 -10.24 7.14
N TRP D 132 -29.55 -11.21 7.05
CA TRP D 132 -29.20 -11.80 5.76
C TRP D 132 -30.38 -12.56 5.16
N LEU D 133 -31.07 -13.32 6.00
CA LEU D 133 -32.22 -14.09 5.55
C LEU D 133 -33.28 -13.16 4.99
N TYR D 134 -33.50 -12.05 5.67
CA TYR D 134 -34.48 -11.08 5.25
C TYR D 134 -34.10 -10.49 3.91
N LYS D 135 -32.82 -10.14 3.80
CA LYS D 135 -32.28 -9.55 2.59
C LYS D 135 -32.39 -10.50 1.41
N GLU D 136 -32.19 -11.79 1.66
CA GLU D 136 -32.26 -12.76 0.60
C GLU D 136 -33.65 -13.38 0.48
N ARG D 137 -34.61 -12.67 1.04
CA ARG D 137 -36.02 -13.05 1.00
C ARG D 137 -36.30 -14.47 1.49
N TYR D 138 -35.65 -14.83 2.58
CA TYR D 138 -35.86 -16.14 3.17
C TYR D 138 -36.89 -15.96 4.26
N ALA D 139 -37.53 -17.06 4.62
CA ALA D 139 -38.52 -17.02 5.67
C ALA D 139 -38.07 -17.86 6.84
N LEU D 140 -38.21 -17.32 8.04
CA LEU D 140 -37.86 -18.04 9.25
C LEU D 140 -39.06 -18.94 9.50
N ILE D 141 -38.85 -20.24 9.51
CA ILE D 141 -39.95 -21.15 9.74
C ILE D 141 -39.97 -21.68 11.17
N ASP D 142 -38.91 -21.38 11.91
CA ASP D 142 -38.84 -21.80 13.31
C ASP D 142 -37.56 -21.35 13.97
N GLU D 143 -37.65 -21.17 15.27
CA GLU D 143 -36.53 -20.77 16.11
C GLU D 143 -36.73 -21.36 17.49
N VAL D 144 -35.63 -21.65 18.16
CA VAL D 144 -35.68 -22.18 19.51
C VAL D 144 -34.42 -21.76 20.24
N ILE D 145 -34.56 -21.51 21.52
CA ILE D 145 -33.45 -21.16 22.36
C ILE D 145 -33.53 -22.11 23.54
N LEU D 146 -32.47 -22.84 23.75
CA LEU D 146 -32.41 -23.81 24.82
C LEU D 146 -31.06 -23.67 25.47
N GLU D 147 -30.81 -24.48 26.49
CA GLU D 147 -29.54 -24.43 27.15
C GLU D 147 -28.95 -25.82 27.35
N GLU D 148 -27.64 -25.88 27.31
CA GLU D 148 -26.91 -27.12 27.52
C GLU D 148 -25.69 -26.77 28.34
N ASP D 149 -25.48 -27.51 29.41
CA ASP D 149 -24.36 -27.22 30.29
C ASP D 149 -24.52 -25.79 30.77
N GLY D 150 -25.75 -25.44 31.13
CA GLY D 150 -26.08 -24.11 31.60
C GLY D 150 -25.75 -22.98 30.65
N LYS D 151 -25.55 -23.29 29.37
CA LYS D 151 -25.24 -22.26 28.39
C LYS D 151 -26.29 -22.26 27.29
N SER D 152 -26.77 -21.08 26.93
CA SER D 152 -27.81 -20.94 25.93
C SER D 152 -27.35 -21.12 24.51
N TYR D 153 -28.26 -21.58 23.67
CA TYR D 153 -27.99 -21.77 22.27
C TYR D 153 -29.26 -21.60 21.46
N GLU D 154 -29.15 -20.86 20.37
CA GLU D 154 -30.28 -20.61 19.50
C GLU D 154 -30.18 -21.43 18.22
N VAL D 155 -31.32 -21.77 17.64
CA VAL D 155 -31.35 -22.50 16.39
C VAL D 155 -32.35 -21.82 15.47
N LEU D 156 -31.85 -21.32 14.35
CA LEU D 156 -32.70 -20.66 13.38
C LEU D 156 -32.92 -21.57 12.20
N VAL D 157 -34.16 -21.67 11.75
CA VAL D 157 -34.50 -22.52 10.62
C VAL D 157 -35.18 -21.66 9.57
N ALA D 158 -34.66 -21.68 8.36
CA ALA D 158 -35.22 -20.88 7.29
C ALA D 158 -35.36 -21.60 5.95
N GLU D 159 -36.29 -21.09 5.17
CA GLU D 159 -36.60 -21.60 3.84
C GLU D 159 -37.16 -20.47 3.01
N ALA D 160 -37.08 -20.59 1.69
CA ALA D 160 -37.60 -19.57 0.81
C ALA D 160 -39.06 -19.34 1.14
N GLY D 161 -39.46 -18.08 1.25
CA GLY D 161 -40.84 -17.75 1.56
C GLY D 161 -41.05 -16.30 1.87
N ASP D 162 -42.11 -16.02 2.63
CA ASP D 162 -42.43 -14.66 3.03
C ASP D 162 -41.56 -14.29 4.21
N ARG D 163 -40.58 -13.44 3.95
CA ARG D 163 -39.63 -13.00 4.97
C ARG D 163 -40.25 -12.20 6.10
N ASP D 164 -41.41 -11.60 5.86
CA ASP D 164 -42.07 -10.82 6.88
C ASP D 164 -42.99 -11.66 7.76
N ALA D 165 -43.39 -12.81 7.24
CA ALA D 165 -44.30 -13.71 7.96
C ALA D 165 -43.91 -13.99 9.40
N ALA D 166 -42.66 -14.35 9.64
CA ALA D 166 -42.22 -14.65 11.00
C ALA D 166 -42.29 -13.46 11.94
N TYR D 167 -42.24 -12.24 11.39
CA TYR D 167 -42.26 -11.03 12.20
C TYR D 167 -43.64 -10.46 12.48
N ASP D 168 -44.67 -11.22 12.16
CA ASP D 168 -46.03 -10.78 12.41
C ASP D 168 -46.20 -10.68 13.92
N GLY D 169 -46.58 -9.51 14.41
CA GLY D 169 -46.79 -9.31 15.82
C GLY D 169 -45.65 -8.65 16.54
N ILE D 170 -44.54 -8.44 15.84
CA ILE D 170 -43.36 -7.82 16.43
C ILE D 170 -42.62 -6.99 15.40
N SER D 171 -41.88 -6.00 15.87
CA SER D 171 -41.12 -5.14 14.98
C SER D 171 -39.92 -5.85 14.38
N LEU D 172 -39.63 -5.53 13.13
CA LEU D 172 -38.49 -6.12 12.45
C LEU D 172 -37.23 -5.92 13.27
N SER D 173 -37.09 -4.71 13.80
CA SER D 173 -35.93 -4.36 14.59
C SER D 173 -35.75 -5.28 15.78
N ALA D 174 -36.77 -5.37 16.61
CA ALA D 174 -36.72 -6.22 17.79
C ALA D 174 -36.63 -7.68 17.39
N GLY D 175 -37.45 -8.06 16.43
CA GLY D 175 -37.48 -9.42 15.95
C GLY D 175 -36.14 -9.90 15.44
N MET D 176 -35.46 -9.07 14.68
CA MET D 176 -34.17 -9.47 14.14
C MET D 176 -33.11 -9.65 15.20
N LEU D 177 -33.16 -8.82 16.23
CA LEU D 177 -32.17 -8.90 17.29
C LEU D 177 -32.32 -10.15 18.14
N VAL D 178 -33.50 -10.35 18.69
CA VAL D 178 -33.72 -11.48 19.59
C VAL D 178 -34.44 -12.69 19.01
N GLY D 179 -35.07 -12.53 17.87
CA GLY D 179 -35.79 -13.62 17.26
C GLY D 179 -37.27 -13.39 17.41
N PRO D 180 -37.99 -13.29 16.31
CA PRO D 180 -39.44 -13.05 16.38
C PRO D 180 -40.20 -14.16 17.09
N PHE D 181 -39.91 -15.42 16.75
CA PHE D 181 -40.58 -16.54 17.39
C PHE D 181 -40.12 -16.69 18.83
N LEU D 182 -38.84 -16.42 19.08
CA LEU D 182 -38.30 -16.53 20.41
C LEU D 182 -38.91 -15.49 21.32
N ALA D 183 -39.13 -14.29 20.80
CA ALA D 183 -39.72 -13.23 21.59
C ALA D 183 -41.17 -13.57 21.93
N LYS D 184 -41.89 -14.14 20.96
CA LYS D 184 -43.27 -14.49 21.18
C LYS D 184 -43.39 -15.62 22.18
N GLU D 185 -42.52 -16.62 22.07
CA GLU D 185 -42.51 -17.75 22.99
C GLU D 185 -42.12 -17.22 24.35
N LYS D 186 -41.03 -16.46 24.37
CA LYS D 186 -40.52 -15.84 25.58
C LYS D 186 -40.29 -16.86 26.71
N ASN D 187 -39.52 -17.90 26.43
CA ASN D 187 -39.23 -18.90 27.45
C ASN D 187 -38.19 -18.37 28.44
N ALA D 188 -37.92 -19.16 29.47
CA ALA D 188 -36.99 -18.74 30.52
C ALA D 188 -35.55 -18.49 30.04
N VAL D 189 -35.06 -19.31 29.12
CA VAL D 189 -33.71 -19.17 28.64
C VAL D 189 -33.58 -17.84 27.90
N PHE D 190 -34.64 -17.50 27.19
CA PHE D 190 -34.74 -16.28 26.42
C PHE D 190 -34.72 -15.08 27.35
N LEU D 191 -35.59 -15.11 28.35
CA LEU D 191 -35.70 -14.04 29.33
C LEU D 191 -34.40 -13.81 30.08
N LYS D 192 -33.71 -14.88 30.46
CA LYS D 192 -32.46 -14.76 31.19
C LYS D 192 -31.39 -14.14 30.31
N LYS D 193 -31.31 -14.60 29.09
CA LYS D 193 -30.32 -14.13 28.15
C LYS D 193 -30.46 -12.63 27.89
N TRP D 194 -31.65 -12.22 27.50
CA TRP D 194 -31.88 -10.83 27.19
C TRP D 194 -31.96 -9.92 28.40
N THR D 195 -32.27 -10.48 29.56
CA THR D 195 -32.30 -9.67 30.75
C THR D 195 -30.86 -9.26 31.04
N GLN D 196 -29.95 -10.20 30.84
CA GLN D 196 -28.54 -9.95 31.06
C GLN D 196 -28.04 -8.92 30.06
N GLU D 197 -28.43 -9.11 28.81
CA GLU D 197 -28.01 -8.22 27.74
C GLU D 197 -28.48 -6.80 28.01
N LEU D 198 -29.71 -6.67 28.46
CA LEU D 198 -30.27 -5.37 28.75
C LEU D 198 -29.46 -4.67 29.82
N GLN D 199 -29.15 -5.39 30.88
CA GLN D 199 -28.38 -4.84 31.99
C GLN D 199 -26.97 -4.44 31.57
N HIS D 200 -26.34 -5.27 30.76
CA HIS D 200 -24.99 -4.99 30.29
C HIS D 200 -25.03 -3.72 29.47
N THR D 201 -26.08 -3.57 28.69
CA THR D 201 -26.26 -2.41 27.86
C THR D 201 -26.47 -1.20 28.76
N GLN D 202 -27.25 -1.37 29.81
CA GLN D 202 -27.53 -0.29 30.75
C GLN D 202 -26.26 0.13 31.47
N SER D 203 -25.38 -0.83 31.76
CA SER D 203 -24.12 -0.53 32.44
C SER D 203 -23.28 0.37 31.55
N ILE D 204 -23.28 0.05 30.27
CA ILE D 204 -22.51 0.83 29.33
C ILE D 204 -23.14 2.18 29.15
N TYR D 205 -24.47 2.21 29.09
CA TYR D 205 -25.17 3.47 28.92
C TYR D 205 -24.83 4.42 30.05
N GLU D 206 -24.92 3.93 31.27
CA GLU D 206 -24.64 4.75 32.43
C GLU D 206 -23.16 5.07 32.51
N GLN D 207 -22.33 4.13 32.08
CA GLN D 207 -20.90 4.34 32.09
C GLN D 207 -20.55 5.52 31.22
N ILE D 208 -21.06 5.51 29.99
CA ILE D 208 -20.80 6.59 29.04
C ILE D 208 -21.49 7.87 29.46
N SER D 209 -22.62 7.72 30.13
CA SER D 209 -23.39 8.86 30.58
C SER D 209 -22.58 9.74 31.52
N GLN D 210 -21.71 9.15 32.31
CA GLN D 210 -20.90 9.93 33.21
C GLN D 210 -19.56 10.29 32.58
N ALA D 211 -19.43 9.97 31.30
CA ALA D 211 -18.21 10.27 30.59
C ALA D 211 -18.32 11.68 30.01
N ALA D 212 -17.30 12.07 29.24
CA ALA D 212 -17.26 13.39 28.62
C ALA D 212 -18.47 13.67 27.75
N ASP D 213 -18.95 14.91 27.79
CA ASP D 213 -20.09 15.31 26.99
C ASP D 213 -19.63 15.60 25.57
N THR D 214 -19.39 14.56 24.80
CA THR D 214 -18.95 14.71 23.44
C THR D 214 -19.98 14.20 22.45
N GLU D 215 -19.91 14.71 21.23
CA GLU D 215 -20.84 14.31 20.18
C GLU D 215 -20.74 12.81 19.99
N GLN D 216 -19.51 12.31 19.96
CA GLN D 216 -19.25 10.89 19.78
C GLN D 216 -19.95 10.08 20.87
N ASN D 217 -19.77 10.48 22.11
CA ASN D 217 -20.37 9.76 23.22
C ASN D 217 -21.89 9.80 23.17
N LYS D 218 -22.46 10.93 22.75
CA LYS D 218 -23.89 11.07 22.66
C LYS D 218 -24.45 10.16 21.57
N GLN D 219 -23.65 9.90 20.56
CA GLN D 219 -24.07 9.02 19.48
C GLN D 219 -24.14 7.58 20.00
N LYS D 220 -23.22 7.20 20.86
CA LYS D 220 -23.22 5.86 21.41
C LYS D 220 -24.36 5.72 22.42
N LEU D 221 -24.61 6.78 23.17
CA LEU D 221 -25.69 6.77 24.14
C LEU D 221 -27.03 6.59 23.43
N LYS D 222 -27.19 7.26 22.31
CA LYS D 222 -28.43 7.16 21.55
C LYS D 222 -28.68 5.71 21.15
N GLU D 223 -27.65 5.09 20.59
CA GLU D 223 -27.73 3.70 20.14
C GLU D 223 -27.98 2.74 21.27
N LEU D 224 -27.34 2.99 22.40
CA LEU D 224 -27.52 2.12 23.55
C LEU D 224 -28.94 2.28 24.07
N ALA D 225 -29.42 3.51 24.10
CA ALA D 225 -30.76 3.77 24.57
C ALA D 225 -31.78 3.04 23.71
N ASP D 226 -31.60 3.10 22.39
CA ASP D 226 -32.51 2.45 21.47
C ASP D 226 -32.51 0.96 21.74
N ARG D 227 -31.31 0.42 21.93
CA ARG D 227 -31.16 -0.99 22.23
C ARG D 227 -31.85 -1.35 23.54
N MET D 228 -31.74 -0.48 24.52
CA MET D 228 -32.36 -0.73 25.82
C MET D 228 -33.87 -0.77 25.69
N GLU D 229 -34.43 0.20 24.98
CA GLU D 229 -35.87 0.27 24.78
C GLU D 229 -36.32 -0.97 24.04
N LEU D 230 -35.56 -1.33 23.02
CA LEU D 230 -35.87 -2.49 22.20
C LEU D 230 -35.97 -3.73 23.09
N LEU D 231 -34.96 -3.96 23.91
CA LEU D 231 -34.95 -5.12 24.79
C LEU D 231 -36.05 -5.07 25.84
N LYS D 232 -36.26 -3.90 26.43
CA LYS D 232 -37.28 -3.74 27.45
C LYS D 232 -38.63 -4.15 26.91
N GLU D 233 -38.89 -3.84 25.66
CA GLU D 233 -40.14 -4.18 25.04
C GLU D 233 -40.36 -5.69 24.89
N VAL D 234 -39.32 -6.43 24.54
CA VAL D 234 -39.47 -7.87 24.35
C VAL D 234 -39.47 -8.72 25.63
N ILE D 235 -38.98 -8.18 26.74
CA ILE D 235 -38.99 -8.95 27.97
C ILE D 235 -40.16 -8.56 28.88
N ASP D 236 -40.81 -7.45 28.55
CA ASP D 236 -41.93 -6.91 29.32
C ASP D 236 -42.79 -7.97 30.00
NI NI E . 12.29 20.39 -12.90
NI NI F . 21.48 9.04 -12.06
NI NI G . -12.92 -20.81 16.50
NI NI H . -21.90 -9.68 15.58
#